data_5NAB
#
_entry.id   5NAB
#
_cell.length_a   69.510
_cell.length_b   53.010
_cell.length_c   136.380
_cell.angle_alpha   90.00
_cell.angle_beta   103.96
_cell.angle_gamma   90.00
#
_symmetry.space_group_name_H-M   'P 1 21 1'
#
loop_
_entity.id
_entity.type
_entity.pdbx_description
1 polymer 'Kynurenine 3-monooxygenase'
2 non-polymer 'FLAVIN-ADENINE DINUCLEOTIDE'
3 non-polymer 'CHLORIDE ION'
4 non-polymer '3-(5-chloranyl-6-methyl-2-oxidanylidene-1,3-benzoxazol-3-yl)propanoic acid'
5 non-polymer GLYCEROL
6 water water
#
_entity_poly.entity_id   1
_entity_poly.type   'polypeptide(L)'
_entity_poly.pdbx_seq_one_letter_code
;MTATDNARQVTIIGAGLAGTLVARLLARNGWQVNLFERRPDPRIETGARGRSINLALAERGAHALRLAGLEREVLAEAVM
MRGRMVHVPGTPPNLQPYGRDDSEVIWSINRDRLNRILLDGAEAAGASIHFNLGLDSVDFARQRLTLSNVSGERLEKRFH
LLIGADGCNSAVRQAMASVVDLGEHLETQPHGYKELQITPEASAQFNLEPNALHIWPHGDYMCIALPNLDRSFTVTLFLH
HQSPAAQPASPSFAQLVDGHAARRFFQRQFPDLSPMLDSLEQDFEHHPTGKLATLRLTTWHVGGQAVLLGDAAHPMVPFH
GQGMNCALEDAVALAEHLQSAADNASALAAFTAQRQPDALAIQAMALENYVEMSSKVASPTYLLERELGQIMAQRQPTRF
IPRYSMVTFSRLPYAQAMARGQIQEQLLKFAVANHSDLTSINLDAVEHEVTRCLPPLSHLS
;
_entity_poly.pdbx_strand_id   A,B
#
# COMPACT_ATOMS: atom_id res chain seq x y z
N ALA A 7 7.97 -47.89 15.34
CA ALA A 7 8.01 -46.90 14.27
C ALA A 7 6.61 -46.51 13.78
N ARG A 8 6.38 -45.19 13.64
CA ARG A 8 5.11 -44.67 13.14
C ARG A 8 4.92 -45.06 11.68
N GLN A 9 3.67 -45.31 11.29
CA GLN A 9 3.36 -45.78 9.94
C GLN A 9 2.63 -44.72 9.15
N VAL A 10 2.88 -44.69 7.84
CA VAL A 10 2.19 -43.74 6.97
C VAL A 10 2.01 -44.32 5.58
N THR A 11 0.88 -43.99 4.95
CA THR A 11 0.59 -44.38 3.58
C THR A 11 0.47 -43.09 2.78
N ILE A 12 1.18 -43.00 1.67
CA ILE A 12 1.15 -41.80 0.83
C ILE A 12 0.61 -42.16 -0.54
N ILE A 13 -0.34 -41.37 -1.02
CA ILE A 13 -0.91 -41.61 -2.35
C ILE A 13 -0.34 -40.57 -3.26
N GLY A 14 0.37 -41.02 -4.29
CA GLY A 14 0.94 -40.12 -5.28
C GLY A 14 2.44 -40.01 -5.19
N ALA A 15 3.15 -40.70 -6.08
CA ALA A 15 4.62 -40.63 -6.14
C ALA A 15 5.00 -39.55 -7.17
N GLY A 16 4.52 -38.34 -6.91
CA GLY A 16 4.80 -37.19 -7.76
C GLY A 16 5.95 -36.42 -7.17
N LEU A 17 5.81 -35.13 -7.02
CA LEU A 17 6.91 -34.35 -6.47
C LEU A 17 6.80 -34.22 -4.94
N ALA A 18 5.64 -33.76 -4.44
CA ALA A 18 5.45 -33.65 -2.99
C ALA A 18 5.47 -35.04 -2.30
N GLY A 19 4.73 -36.01 -2.89
CA GLY A 19 4.60 -37.32 -2.26
C GLY A 19 5.93 -38.05 -2.08
N THR A 20 6.76 -37.99 -3.11
CA THR A 20 8.07 -38.66 -3.05
CA THR A 20 8.04 -38.66 -3.06
C THR A 20 9.00 -37.95 -2.09
N LEU A 21 8.95 -36.60 -2.07
CA LEU A 21 9.83 -35.89 -1.14
C LEU A 21 9.40 -36.17 0.31
N VAL A 22 8.09 -36.10 0.62
CA VAL A 22 7.69 -36.35 2.00
C VAL A 22 8.00 -37.83 2.39
N ALA A 23 7.92 -38.78 1.41
CA ALA A 23 8.28 -40.17 1.69
C ALA A 23 9.72 -40.29 2.12
N ARG A 24 10.62 -39.57 1.45
CA ARG A 24 12.04 -39.63 1.83
C ARG A 24 12.28 -39.01 3.22
N LEU A 25 11.68 -37.84 3.48
CA LEU A 25 11.89 -37.16 4.75
C LEU A 25 11.39 -38.00 5.94
N LEU A 26 10.20 -38.62 5.77
CA LEU A 26 9.65 -39.46 6.83
C LEU A 26 10.43 -40.77 6.98
N ALA A 27 10.76 -41.42 5.85
CA ALA A 27 11.47 -42.69 5.94
C ALA A 27 12.84 -42.54 6.58
N ARG A 28 13.57 -41.43 6.27
CA ARG A 28 14.89 -41.32 6.86
C ARG A 28 14.83 -40.98 8.37
N ASN A 29 13.63 -40.56 8.83
CA ASN A 29 13.33 -40.34 10.23
C ASN A 29 12.80 -41.62 10.89
N GLY A 30 12.86 -42.74 10.18
CA GLY A 30 12.47 -44.04 10.73
C GLY A 30 11.00 -44.42 10.59
N TRP A 31 10.20 -43.61 9.88
CA TRP A 31 8.80 -43.99 9.67
C TRP A 31 8.71 -45.17 8.71
N GLN A 32 7.68 -46.00 8.87
CA GLN A 32 7.44 -47.11 7.95
C GLN A 32 6.55 -46.47 6.86
N VAL A 33 7.09 -46.28 5.65
CA VAL A 33 6.39 -45.55 4.58
C VAL A 33 6.02 -46.48 3.42
N ASN A 34 4.74 -46.46 2.99
CA ASN A 34 4.32 -47.16 1.77
C ASN A 34 3.72 -46.06 0.89
N LEU A 35 4.22 -45.93 -0.32
CA LEU A 35 3.83 -44.89 -1.30
C LEU A 35 3.19 -45.60 -2.49
N PHE A 36 1.96 -45.22 -2.85
CA PHE A 36 1.21 -45.84 -3.96
C PHE A 36 1.06 -44.86 -5.09
N GLU A 37 1.37 -45.30 -6.30
CA GLU A 37 1.33 -44.46 -7.48
C GLU A 37 0.51 -45.13 -8.62
N ARG A 38 -0.39 -44.38 -9.28
CA ARG A 38 -1.25 -44.92 -10.35
C ARG A 38 -0.44 -45.27 -11.61
N ARG A 39 0.55 -44.44 -11.93
CA ARG A 39 1.32 -44.68 -13.16
C ARG A 39 2.36 -45.78 -12.96
N PRO A 40 2.94 -46.27 -14.08
CA PRO A 40 4.06 -47.22 -13.94
C PRO A 40 5.29 -46.50 -13.42
N ASP A 41 6.29 -47.30 -12.99
CA ASP A 41 7.57 -46.73 -12.53
C ASP A 41 8.31 -46.10 -13.73
N PRO A 42 8.53 -44.78 -13.73
CA PRO A 42 9.23 -44.15 -14.88
C PRO A 42 10.70 -44.54 -15.02
N ARG A 43 11.26 -45.17 -13.97
CA ARG A 43 12.65 -45.61 -13.98
C ARG A 43 12.79 -46.92 -14.76
N ILE A 44 11.67 -47.64 -15.01
CA ILE A 44 11.74 -48.86 -15.82
C ILE A 44 11.72 -48.42 -17.28
N GLU A 45 12.86 -48.52 -17.97
CA GLU A 45 12.93 -48.08 -19.37
C GLU A 45 12.08 -48.95 -20.28
N THR A 46 11.29 -48.29 -21.13
CA THR A 46 10.46 -48.99 -22.13
C THR A 46 10.84 -48.47 -23.51
N GLY A 47 10.14 -48.97 -24.54
CA GLY A 47 10.42 -48.52 -25.90
C GLY A 47 9.62 -47.28 -26.28
N ALA A 48 8.91 -46.67 -25.30
CA ALA A 48 8.11 -45.45 -25.55
C ALA A 48 9.01 -44.21 -25.42
N ARG A 49 8.69 -43.14 -26.14
CA ARG A 49 9.46 -41.88 -26.02
C ARG A 49 9.24 -41.21 -24.64
N GLY A 50 10.29 -40.64 -24.09
CA GLY A 50 10.24 -39.92 -22.81
C GLY A 50 9.50 -38.59 -22.90
N ARG A 51 9.02 -38.07 -21.76
CA ARG A 51 8.29 -36.79 -21.73
C ARG A 51 9.27 -35.62 -21.68
N SER A 52 9.04 -34.62 -22.55
CA SER A 52 9.91 -33.44 -22.67
C SER A 52 9.43 -32.26 -21.80
N ILE A 53 8.49 -32.52 -20.91
CA ILE A 53 7.92 -31.57 -19.97
C ILE A 53 9.04 -31.04 -19.03
N ASN A 54 9.12 -29.73 -18.83
CA ASN A 54 10.09 -29.13 -17.90
C ASN A 54 9.43 -28.13 -16.97
N LEU A 55 10.13 -27.76 -15.88
CA LEU A 55 9.59 -26.83 -14.88
C LEU A 55 10.69 -25.92 -14.40
N ALA A 56 10.27 -24.77 -13.84
CA ALA A 56 11.19 -23.83 -13.21
C ALA A 56 11.31 -24.14 -11.72
N LEU A 57 12.55 -24.45 -11.30
CA LEU A 57 12.91 -24.70 -9.91
C LEU A 57 13.51 -23.43 -9.32
N ALA A 58 12.93 -22.95 -8.22
CA ALA A 58 13.38 -21.73 -7.59
C ALA A 58 13.84 -22.00 -6.14
N GLU A 59 14.17 -20.96 -5.38
CA GLU A 59 14.79 -21.19 -4.06
C GLU A 59 13.94 -22.07 -3.13
N ARG A 60 12.62 -21.93 -3.14
CA ARG A 60 11.78 -22.75 -2.25
C ARG A 60 11.91 -24.23 -2.52
N GLY A 61 11.84 -24.59 -3.81
CA GLY A 61 11.99 -26.00 -4.19
C GLY A 61 13.42 -26.46 -3.98
N ALA A 62 14.39 -25.61 -4.36
CA ALA A 62 15.79 -26.00 -4.23
C ALA A 62 16.19 -26.23 -2.76
N HIS A 63 15.70 -25.38 -1.86
CA HIS A 63 16.00 -25.53 -0.44
C HIS A 63 15.38 -26.83 0.10
N ALA A 64 14.17 -27.17 -0.36
CA ALA A 64 13.55 -28.43 0.07
C ALA A 64 14.41 -29.61 -0.39
N LEU A 65 14.90 -29.57 -1.63
CA LEU A 65 15.78 -30.62 -2.13
C LEU A 65 17.10 -30.63 -1.37
N ARG A 66 17.62 -29.45 -0.99
CA ARG A 66 18.86 -29.30 -0.24
C ARG A 66 18.73 -29.98 1.13
N LEU A 67 17.61 -29.76 1.84
CA LEU A 67 17.36 -30.40 3.14
C LEU A 67 17.30 -31.91 2.98
N ALA A 68 16.76 -32.38 1.83
CA ALA A 68 16.67 -33.80 1.53
C ALA A 68 17.98 -34.45 1.05
N GLY A 69 19.00 -33.65 0.75
CA GLY A 69 20.27 -34.19 0.25
C GLY A 69 20.25 -34.51 -1.23
N LEU A 70 19.28 -33.92 -2.00
CA LEU A 70 19.12 -34.20 -3.44
C LEU A 70 19.37 -33.01 -4.37
N GLU A 71 19.65 -31.83 -3.84
CA GLU A 71 19.80 -30.65 -4.69
C GLU A 71 20.91 -30.76 -5.72
N ARG A 72 22.10 -31.21 -5.29
CA ARG A 72 23.23 -31.32 -6.21
C ARG A 72 22.91 -32.22 -7.40
N GLU A 73 22.27 -33.37 -7.14
CA GLU A 73 21.91 -34.31 -8.21
C GLU A 73 20.90 -33.67 -9.19
N VAL A 74 19.91 -32.95 -8.65
CA VAL A 74 18.90 -32.30 -9.51
C VAL A 74 19.52 -31.16 -10.33
N LEU A 75 20.34 -30.32 -9.68
CA LEU A 75 20.94 -29.18 -10.37
C LEU A 75 21.91 -29.59 -11.46
N ALA A 76 22.53 -30.82 -11.35
CA ALA A 76 23.46 -31.31 -12.37
C ALA A 76 22.80 -31.40 -13.75
N GLU A 77 21.47 -31.53 -13.85
CA GLU A 77 20.92 -31.51 -15.21
C GLU A 77 19.87 -30.38 -15.33
N ALA A 78 20.11 -29.28 -14.62
CA ALA A 78 19.21 -28.13 -14.72
C ALA A 78 19.88 -27.04 -15.52
N VAL A 79 19.13 -26.30 -16.31
CA VAL A 79 19.68 -25.20 -17.11
C VAL A 79 19.38 -23.87 -16.35
N MET A 80 20.40 -23.07 -16.13
CA MET A 80 20.23 -21.77 -15.46
C MET A 80 19.40 -20.84 -16.36
N MET A 81 18.41 -20.19 -15.79
CA MET A 81 17.65 -19.17 -16.51
C MET A 81 17.95 -17.87 -15.75
N ARG A 82 18.84 -17.02 -16.29
CA ARG A 82 19.26 -15.79 -15.62
C ARG A 82 18.23 -14.71 -15.63
N GLY A 83 17.34 -14.74 -16.61
CA GLY A 83 16.35 -13.69 -16.75
C GLY A 83 15.32 -14.01 -17.80
N ARG A 84 14.43 -13.04 -18.03
CA ARG A 84 13.30 -13.12 -18.94
C ARG A 84 13.71 -12.51 -20.28
N MET A 85 13.52 -13.26 -21.38
CA MET A 85 13.81 -12.75 -22.71
C MET A 85 12.44 -12.52 -23.38
N VAL A 86 12.08 -11.24 -23.55
CA VAL A 86 10.80 -10.82 -24.13
C VAL A 86 10.90 -10.67 -25.66
N HIS A 87 10.04 -11.40 -26.39
CA HIS A 87 10.04 -11.35 -27.85
C HIS A 87 8.80 -10.64 -28.33
N VAL A 88 9.03 -9.45 -28.81
CA VAL A 88 7.99 -8.65 -29.44
C VAL A 88 8.48 -8.33 -30.89
N PRO A 89 7.68 -8.62 -31.95
CA PRO A 89 8.16 -8.39 -33.33
C PRO A 89 8.67 -6.98 -33.57
N GLY A 90 9.81 -6.90 -34.24
CA GLY A 90 10.51 -5.65 -34.54
C GLY A 90 11.63 -5.35 -33.55
N THR A 91 11.25 -5.33 -32.24
CA THR A 91 12.16 -5.06 -31.12
C THR A 91 13.14 -6.23 -30.95
N PRO A 92 14.49 -6.01 -30.98
CA PRO A 92 15.40 -7.15 -30.78
C PRO A 92 15.32 -7.60 -29.32
N PRO A 93 15.39 -8.92 -29.06
CA PRO A 93 15.29 -9.37 -27.66
C PRO A 93 16.50 -8.91 -26.84
N ASN A 94 16.28 -8.50 -25.59
CA ASN A 94 17.32 -8.05 -24.67
C ASN A 94 17.02 -8.68 -23.31
N LEU A 95 17.98 -9.38 -22.72
CA LEU A 95 17.78 -10.06 -21.44
C LEU A 95 17.40 -9.12 -20.28
N GLN A 96 16.34 -9.45 -19.53
CA GLN A 96 15.94 -8.71 -18.33
C GLN A 96 16.29 -9.62 -17.13
N PRO A 97 17.46 -9.44 -16.50
CA PRO A 97 17.84 -10.31 -15.37
C PRO A 97 16.80 -10.38 -14.26
N TYR A 98 16.62 -11.58 -13.70
CA TYR A 98 15.67 -11.80 -12.61
C TYR A 98 16.23 -11.31 -11.27
N GLY A 99 17.54 -11.38 -11.15
CA GLY A 99 18.21 -11.04 -9.90
C GLY A 99 19.46 -10.22 -10.02
N ARG A 100 20.15 -10.09 -8.88
CA ARG A 100 21.34 -9.26 -8.71
C ARG A 100 22.60 -9.84 -9.37
N ASP A 101 22.73 -11.20 -9.39
CA ASP A 101 23.85 -11.93 -9.99
C ASP A 101 23.41 -13.36 -10.26
N ASP A 102 24.34 -14.26 -10.66
CA ASP A 102 24.00 -15.64 -10.98
C ASP A 102 23.60 -16.51 -9.79
N SER A 103 23.62 -15.97 -8.55
CA SER A 103 23.10 -16.75 -7.42
C SER A 103 21.58 -16.60 -7.39
N GLU A 104 21.04 -15.57 -8.06
CA GLU A 104 19.61 -15.28 -8.07
C GLU A 104 19.10 -15.59 -9.46
N VAL A 105 18.92 -16.89 -9.71
CA VAL A 105 18.44 -17.40 -11.00
C VAL A 105 17.37 -18.46 -10.70
N ILE A 106 16.69 -18.93 -11.77
CA ILE A 106 15.75 -20.07 -11.64
C ILE A 106 16.34 -21.15 -12.52
N TRP A 107 15.91 -22.39 -12.31
CA TRP A 107 16.52 -23.53 -12.97
C TRP A 107 15.52 -24.31 -13.79
N SER A 108 15.82 -24.55 -15.06
CA SER A 108 14.88 -25.35 -15.87
C SER A 108 15.29 -26.83 -15.73
N ILE A 109 14.33 -27.64 -15.23
CA ILE A 109 14.59 -29.06 -15.06
C ILE A 109 13.53 -29.91 -15.71
N ASN A 110 13.94 -31.08 -16.24
CA ASN A 110 13.02 -32.03 -16.83
C ASN A 110 12.18 -32.66 -15.71
N ARG A 111 10.86 -32.62 -15.88
CA ARG A 111 9.95 -33.11 -14.83
C ARG A 111 10.21 -34.60 -14.49
N ASP A 112 10.30 -35.43 -15.55
CA ASP A 112 10.49 -36.86 -15.36
C ASP A 112 11.82 -37.15 -14.67
N ARG A 113 12.90 -36.42 -15.04
CA ARG A 113 14.21 -36.63 -14.40
C ARG A 113 14.13 -36.26 -12.92
N LEU A 114 13.44 -35.15 -12.60
CA LEU A 114 13.25 -34.77 -11.20
C LEU A 114 12.51 -35.90 -10.44
N ASN A 115 11.44 -36.40 -11.05
CA ASN A 115 10.64 -37.44 -10.40
C ASN A 115 11.51 -38.72 -10.17
N ARG A 116 12.34 -39.11 -11.17
CA ARG A 116 13.20 -40.31 -11.02
C ARG A 116 14.19 -40.13 -9.86
N ILE A 117 14.80 -38.94 -9.76
CA ILE A 117 15.76 -38.67 -8.68
C ILE A 117 15.01 -38.74 -7.32
N LEU A 118 13.78 -38.20 -7.27
CA LEU A 118 13.03 -38.26 -6.02
C LEU A 118 12.66 -39.69 -5.66
N LEU A 119 12.23 -40.51 -6.66
CA LEU A 119 11.90 -41.90 -6.37
C LEU A 119 13.10 -42.65 -5.81
N ASP A 120 14.27 -42.47 -6.45
CA ASP A 120 15.48 -43.14 -5.95
C ASP A 120 15.78 -42.69 -4.49
N GLY A 121 15.64 -41.39 -4.21
CA GLY A 121 15.84 -40.83 -2.89
C GLY A 121 14.89 -41.42 -1.84
N ALA A 122 13.61 -41.60 -2.20
CA ALA A 122 12.65 -42.14 -1.24
C ALA A 122 13.00 -43.61 -0.92
N GLU A 123 13.34 -44.40 -1.97
CA GLU A 123 13.72 -45.81 -1.75
C GLU A 123 15.02 -45.92 -0.96
N ALA A 124 15.98 -45.01 -1.23
CA ALA A 124 17.26 -45.05 -0.50
C ALA A 124 17.06 -44.81 1.01
N ALA A 125 16.03 -44.03 1.35
CA ALA A 125 15.72 -43.71 2.74
C ALA A 125 14.89 -44.81 3.43
N GLY A 126 14.40 -45.78 2.65
CA GLY A 126 13.65 -46.91 3.20
C GLY A 126 12.18 -46.99 2.85
N ALA A 127 11.68 -46.04 2.03
CA ALA A 127 10.26 -46.09 1.66
C ALA A 127 10.01 -47.22 0.66
N SER A 128 8.81 -47.83 0.73
CA SER A 128 8.43 -48.88 -0.22
C SER A 128 7.46 -48.19 -1.20
N ILE A 129 7.73 -48.32 -2.50
CA ILE A 129 6.90 -47.67 -3.52
C ILE A 129 6.22 -48.73 -4.37
N HIS A 130 4.90 -48.59 -4.54
CA HIS A 130 4.07 -49.55 -5.25
C HIS A 130 3.40 -48.83 -6.43
N PHE A 131 3.80 -49.18 -7.67
CA PHE A 131 3.28 -48.50 -8.83
C PHE A 131 2.08 -49.24 -9.42
N ASN A 132 1.45 -48.64 -10.47
CA ASN A 132 0.31 -49.26 -11.17
C ASN A 132 -0.87 -49.53 -10.23
N LEU A 133 -1.00 -48.67 -9.21
CA LEU A 133 -2.09 -48.78 -8.23
C LEU A 133 -2.66 -47.40 -7.97
N GLY A 134 -3.89 -47.18 -8.46
CA GLY A 134 -4.58 -45.91 -8.30
C GLY A 134 -5.59 -45.99 -7.17
N LEU A 135 -5.56 -45.00 -6.27
CA LEU A 135 -6.53 -45.00 -5.18
C LEU A 135 -7.94 -44.75 -5.75
N ASP A 136 -8.91 -45.58 -5.36
CA ASP A 136 -10.31 -45.48 -5.78
C ASP A 136 -11.20 -44.94 -4.67
N SER A 137 -11.02 -45.41 -3.45
CA SER A 137 -11.90 -45.04 -2.34
C SER A 137 -11.23 -45.25 -1.01
N VAL A 138 -11.78 -44.61 0.01
CA VAL A 138 -11.26 -44.70 1.37
C VAL A 138 -12.42 -44.95 2.31
N ASP A 139 -12.26 -45.92 3.22
CA ASP A 139 -13.28 -46.16 4.25
C ASP A 139 -12.61 -45.64 5.51
N PHE A 140 -12.89 -44.38 5.89
CA PHE A 140 -12.25 -43.77 7.05
C PHE A 140 -12.58 -44.47 8.37
N ALA A 141 -13.83 -44.90 8.53
CA ALA A 141 -14.27 -45.56 9.78
C ALA A 141 -13.56 -46.91 9.98
N ARG A 142 -13.41 -47.68 8.89
CA ARG A 142 -12.74 -48.99 8.99
C ARG A 142 -11.23 -48.91 8.76
N GLN A 143 -10.71 -47.73 8.42
CA GLN A 143 -9.26 -47.52 8.21
C GLN A 143 -8.73 -48.41 7.09
N ARG A 144 -9.51 -48.51 6.01
CA ARG A 144 -9.08 -49.28 4.84
C ARG A 144 -9.21 -48.44 3.60
N LEU A 145 -8.44 -48.76 2.60
CA LEU A 145 -8.60 -48.06 1.33
C LEU A 145 -8.60 -49.08 0.20
N THR A 146 -9.09 -48.66 -0.96
CA THR A 146 -9.16 -49.56 -2.11
C THR A 146 -8.38 -48.92 -3.24
N LEU A 147 -7.50 -49.71 -3.83
CA LEU A 147 -6.72 -49.30 -4.97
C LEU A 147 -7.01 -50.21 -6.15
N SER A 148 -6.69 -49.77 -7.36
CA SER A 148 -6.84 -50.67 -8.51
C SER A 148 -5.88 -50.34 -9.62
N ASN A 149 -5.54 -51.34 -10.45
CA ASN A 149 -4.71 -51.03 -11.62
C ASN A 149 -5.63 -50.46 -12.77
N VAL A 150 -5.07 -50.17 -13.95
CA VAL A 150 -5.83 -49.57 -15.07
C VAL A 150 -7.04 -50.46 -15.50
N SER A 151 -6.87 -51.80 -15.39
CA SER A 151 -7.88 -52.82 -15.69
C SER A 151 -8.97 -52.96 -14.62
N GLY A 152 -8.85 -52.24 -13.50
CA GLY A 152 -9.83 -52.31 -12.43
C GLY A 152 -9.63 -53.43 -11.42
N GLU A 153 -8.54 -54.22 -11.53
CA GLU A 153 -8.20 -55.27 -10.55
C GLU A 153 -7.94 -54.57 -9.20
N ARG A 154 -8.74 -54.89 -8.18
CA ARG A 154 -8.69 -54.20 -6.89
C ARG A 154 -7.77 -54.84 -5.85
N LEU A 155 -7.33 -54.00 -4.91
CA LEU A 155 -6.49 -54.37 -3.80
C LEU A 155 -6.91 -53.49 -2.63
N GLU A 156 -7.24 -54.09 -1.48
CA GLU A 156 -7.59 -53.31 -0.30
C GLU A 156 -6.39 -53.29 0.65
N LYS A 157 -6.19 -52.17 1.35
CA LYS A 157 -5.10 -52.04 2.29
C LYS A 157 -5.57 -51.35 3.55
N ARG A 158 -5.04 -51.78 4.70
CA ARG A 158 -5.31 -51.06 5.94
C ARG A 158 -4.36 -49.84 5.94
N PHE A 159 -4.78 -48.73 6.56
CA PHE A 159 -3.92 -47.56 6.73
C PHE A 159 -4.05 -46.99 8.15
N HIS A 160 -3.03 -46.22 8.59
CA HIS A 160 -2.99 -45.57 9.91
C HIS A 160 -3.03 -44.04 9.73
N LEU A 161 -2.24 -43.54 8.79
CA LEU A 161 -2.20 -42.11 8.45
C LEU A 161 -2.13 -42.09 6.92
N LEU A 162 -2.98 -41.27 6.31
CA LEU A 162 -3.04 -41.20 4.85
C LEU A 162 -2.63 -39.81 4.38
N ILE A 163 -1.63 -39.72 3.51
CA ILE A 163 -1.22 -38.45 2.91
C ILE A 163 -1.66 -38.42 1.45
N GLY A 164 -2.49 -37.44 1.10
CA GLY A 164 -2.95 -37.24 -0.26
C GLY A 164 -1.99 -36.31 -0.97
N ALA A 165 -1.05 -36.89 -1.72
CA ALA A 165 -0.05 -36.14 -2.52
C ALA A 165 -0.35 -36.49 -4.01
N ASP A 166 -1.65 -36.64 -4.30
CA ASP A 166 -2.11 -37.21 -5.55
C ASP A 166 -2.62 -36.18 -6.58
N GLY A 167 -2.08 -34.96 -6.52
CA GLY A 167 -2.29 -34.01 -7.60
C GLY A 167 -3.61 -33.29 -7.64
N CYS A 168 -3.77 -32.47 -8.69
CA CYS A 168 -4.90 -31.55 -8.73
C CYS A 168 -6.27 -32.22 -8.77
N ASN A 169 -6.36 -33.48 -9.23
CA ASN A 169 -7.64 -34.21 -9.26
C ASN A 169 -7.59 -35.33 -8.21
N SER A 170 -6.99 -35.03 -7.08
CA SER A 170 -6.79 -35.90 -5.94
C SER A 170 -7.99 -36.80 -5.60
N ALA A 171 -7.72 -38.11 -5.56
CA ALA A 171 -8.71 -39.09 -5.11
C ALA A 171 -8.81 -39.05 -3.56
N VAL A 172 -7.71 -38.73 -2.85
CA VAL A 172 -7.79 -38.60 -1.39
C VAL A 172 -8.76 -37.46 -1.05
N ARG A 173 -8.62 -36.32 -1.76
CA ARG A 173 -9.48 -35.16 -1.54
C ARG A 173 -10.95 -35.54 -1.78
N GLN A 174 -11.22 -36.24 -2.89
CA GLN A 174 -12.59 -36.68 -3.19
C GLN A 174 -13.12 -37.58 -2.05
N ALA A 175 -12.29 -38.52 -1.54
CA ALA A 175 -12.70 -39.42 -0.45
C ALA A 175 -12.99 -38.64 0.84
N MET A 176 -12.17 -37.61 1.14
CA MET A 176 -12.37 -36.78 2.35
C MET A 176 -13.72 -36.07 2.28
N ALA A 177 -14.14 -35.65 1.07
CA ALA A 177 -15.45 -35.02 0.86
C ALA A 177 -16.68 -35.89 1.27
N SER A 178 -16.50 -37.21 1.56
CA SER A 178 -17.55 -38.12 2.03
C SER A 178 -17.72 -38.07 3.57
N VAL A 179 -16.70 -37.57 4.30
CA VAL A 179 -16.74 -37.55 5.77
C VAL A 179 -16.67 -36.14 6.34
N VAL A 180 -16.16 -35.18 5.57
CA VAL A 180 -16.06 -33.79 6.04
C VAL A 180 -16.51 -32.84 4.91
N ASP A 181 -16.97 -31.63 5.27
CA ASP A 181 -17.28 -30.62 4.26
C ASP A 181 -15.94 -29.90 4.05
N LEU A 182 -15.34 -30.05 2.86
CA LEU A 182 -14.04 -29.40 2.66
C LEU A 182 -14.12 -27.90 2.39
N GLY A 183 -15.33 -27.37 2.19
CA GLY A 183 -15.50 -25.96 1.88
C GLY A 183 -14.72 -25.57 0.63
N GLU A 184 -14.87 -26.37 -0.44
CA GLU A 184 -14.16 -26.24 -1.74
C GLU A 184 -14.76 -25.14 -2.58
N HIS A 185 -13.90 -24.24 -3.12
CA HIS A 185 -14.26 -23.12 -3.99
C HIS A 185 -13.38 -23.24 -5.24
N LEU A 186 -13.98 -23.60 -6.38
CA LEU A 186 -13.25 -23.75 -7.63
C LEU A 186 -13.41 -22.50 -8.49
N GLU A 187 -12.27 -21.96 -8.95
CA GLU A 187 -12.24 -20.79 -9.81
C GLU A 187 -11.61 -21.26 -11.12
N THR A 188 -12.43 -21.48 -12.13
CA THR A 188 -11.96 -21.93 -13.44
C THR A 188 -11.15 -20.80 -14.06
N GLN A 189 -10.16 -21.20 -14.86
CA GLN A 189 -9.28 -20.28 -15.58
C GLN A 189 -9.67 -20.39 -17.05
N PRO A 190 -9.87 -19.28 -17.78
CA PRO A 190 -10.32 -19.40 -19.18
C PRO A 190 -9.25 -19.91 -20.16
N HIS A 191 -7.96 -19.86 -19.79
CA HIS A 191 -6.89 -20.31 -20.67
C HIS A 191 -6.67 -21.80 -20.58
N GLY A 192 -6.52 -22.41 -21.74
CA GLY A 192 -6.04 -23.78 -21.84
C GLY A 192 -4.57 -23.66 -22.21
N TYR A 193 -3.87 -24.78 -22.27
CA TYR A 193 -2.46 -24.75 -22.68
C TYR A 193 -2.12 -25.91 -23.58
N LYS A 194 -1.11 -25.70 -24.44
CA LYS A 194 -0.63 -26.72 -25.36
C LYS A 194 0.88 -26.68 -25.34
N GLU A 195 1.51 -27.86 -25.29
CA GLU A 195 2.97 -27.95 -25.28
C GLU A 195 3.48 -28.22 -26.70
N LEU A 196 4.49 -27.46 -27.14
CA LEU A 196 5.07 -27.57 -28.47
C LEU A 196 6.58 -27.66 -28.31
N GLN A 197 7.31 -28.10 -29.34
CA GLN A 197 8.75 -28.28 -29.20
C GLN A 197 9.57 -27.47 -30.19
N ILE A 198 10.75 -27.01 -29.73
CA ILE A 198 11.77 -26.41 -30.60
C ILE A 198 12.94 -27.38 -30.51
N THR A 199 13.41 -27.88 -31.65
CA THR A 199 14.54 -28.81 -31.64
C THR A 199 15.87 -28.09 -31.31
N PRO A 200 16.93 -28.82 -30.92
CA PRO A 200 18.25 -28.18 -30.73
C PRO A 200 18.78 -27.51 -32.00
N GLU A 201 18.52 -28.12 -33.19
CA GLU A 201 18.99 -27.56 -34.46
C GLU A 201 18.29 -26.21 -34.68
N ALA A 202 16.94 -26.19 -34.49
CA ALA A 202 16.15 -24.98 -34.70
C ALA A 202 16.52 -23.88 -33.71
N SER A 203 16.69 -24.22 -32.39
CA SER A 203 17.00 -23.14 -31.46
C SER A 203 18.38 -22.52 -31.76
N ALA A 204 19.35 -23.35 -32.19
CA ALA A 204 20.68 -22.84 -32.54
C ALA A 204 20.64 -21.99 -33.83
N GLN A 205 19.91 -22.45 -34.86
CA GLN A 205 19.79 -21.73 -36.15
C GLN A 205 19.19 -20.31 -35.94
N PHE A 206 18.23 -20.18 -35.01
CA PHE A 206 17.56 -18.91 -34.74
C PHE A 206 18.17 -18.14 -33.55
N ASN A 207 19.33 -18.63 -33.02
CA ASN A 207 20.07 -17.97 -31.94
C ASN A 207 19.23 -17.75 -30.68
N LEU A 208 18.40 -18.73 -30.34
CA LEU A 208 17.54 -18.61 -29.13
C LEU A 208 18.40 -18.83 -27.88
N GLU A 209 18.46 -17.82 -26.99
CA GLU A 209 19.34 -17.88 -25.82
C GLU A 209 19.03 -19.08 -24.89
N PRO A 210 19.98 -20.01 -24.64
CA PRO A 210 19.63 -21.15 -23.76
C PRO A 210 19.46 -20.79 -22.29
N ASN A 211 20.19 -19.77 -21.79
CA ASN A 211 20.11 -19.47 -20.36
C ASN A 211 19.11 -18.37 -19.99
N ALA A 212 17.86 -18.54 -20.42
CA ALA A 212 16.80 -17.57 -20.16
C ALA A 212 15.45 -18.25 -20.28
N LEU A 213 14.44 -17.61 -19.68
CA LEU A 213 13.06 -18.03 -19.79
C LEU A 213 12.49 -17.04 -20.83
N HIS A 214 11.97 -17.59 -21.90
CA HIS A 214 11.48 -16.82 -23.04
C HIS A 214 9.99 -16.59 -23.02
N ILE A 215 9.57 -15.32 -23.34
CA ILE A 215 8.13 -15.03 -23.38
C ILE A 215 7.81 -14.33 -24.72
N TRP A 216 6.68 -14.70 -25.33
CA TRP A 216 6.11 -14.06 -26.52
C TRP A 216 4.75 -13.54 -26.07
N PRO A 217 4.72 -12.30 -25.50
CA PRO A 217 3.46 -11.76 -24.98
C PRO A 217 2.50 -11.39 -26.12
N HIS A 218 1.21 -11.56 -25.89
CA HIS A 218 0.21 -11.22 -26.88
C HIS A 218 -1.14 -10.85 -26.24
N GLY A 219 -1.10 -10.25 -25.04
CA GLY A 219 -2.29 -9.78 -24.33
C GLY A 219 -3.08 -10.91 -23.74
N ASP A 220 -4.24 -11.26 -24.37
CA ASP A 220 -5.08 -12.35 -23.89
C ASP A 220 -4.48 -13.73 -24.11
N TYR A 221 -3.40 -13.82 -24.88
CA TYR A 221 -2.74 -15.11 -25.04
C TYR A 221 -1.24 -14.87 -25.09
N MET A 222 -0.43 -15.93 -24.95
CA MET A 222 1.02 -15.79 -24.97
C MET A 222 1.69 -17.14 -25.10
N CYS A 223 2.97 -17.13 -25.43
CA CYS A 223 3.78 -18.35 -25.41
C CYS A 223 4.94 -18.13 -24.45
N ILE A 224 5.40 -19.22 -23.87
CA ILE A 224 6.64 -19.19 -23.07
C ILE A 224 7.48 -20.35 -23.58
N ALA A 225 8.80 -20.28 -23.33
CA ALA A 225 9.68 -21.41 -23.69
C ALA A 225 10.73 -21.54 -22.60
N LEU A 226 10.94 -22.77 -22.13
CA LEU A 226 11.97 -23.10 -21.14
C LEU A 226 12.97 -24.02 -21.79
N PRO A 227 14.27 -23.76 -21.55
CA PRO A 227 15.31 -24.56 -22.18
C PRO A 227 15.55 -25.91 -21.58
N ASN A 228 16.10 -26.82 -22.40
CA ASN A 228 16.54 -28.14 -21.97
C ASN A 228 18.05 -28.24 -22.11
N LEU A 229 18.66 -29.21 -21.40
CA LEU A 229 20.10 -29.43 -21.43
C LEU A 229 20.65 -29.62 -22.84
N ASP A 230 19.84 -30.25 -23.72
CA ASP A 230 20.26 -30.54 -25.10
C ASP A 230 19.95 -29.39 -26.07
N ARG A 231 19.63 -28.19 -25.54
CA ARG A 231 19.32 -27.00 -26.32
C ARG A 231 17.94 -27.05 -27.01
N SER A 232 17.15 -28.10 -26.79
CA SER A 232 15.75 -28.05 -27.26
C SER A 232 15.03 -27.16 -26.27
N PHE A 233 13.84 -26.69 -26.65
CA PHE A 233 13.02 -25.93 -25.73
C PHE A 233 11.62 -26.48 -25.76
N THR A 234 10.98 -26.46 -24.58
CA THR A 234 9.57 -26.80 -24.46
C THR A 234 8.82 -25.48 -24.46
N VAL A 235 7.93 -25.31 -25.43
CA VAL A 235 7.13 -24.09 -25.61
C VAL A 235 5.73 -24.39 -25.09
N THR A 236 5.14 -23.45 -24.34
CA THR A 236 3.76 -23.64 -23.92
C THR A 236 2.96 -22.44 -24.45
N LEU A 237 1.86 -22.73 -25.13
CA LEU A 237 0.92 -21.72 -25.60
C LEU A 237 -0.20 -21.66 -24.58
N PHE A 238 -0.51 -20.46 -24.08
CA PHE A 238 -1.64 -20.22 -23.17
C PHE A 238 -2.67 -19.46 -24.01
N LEU A 239 -3.87 -20.03 -24.18
CA LEU A 239 -4.87 -19.43 -25.08
C LEU A 239 -6.26 -19.81 -24.58
N HIS A 240 -7.23 -18.88 -24.66
CA HIS A 240 -8.59 -19.19 -24.20
C HIS A 240 -9.12 -20.47 -24.88
N HIS A 241 -9.83 -21.32 -24.12
CA HIS A 241 -10.42 -22.53 -24.70
C HIS A 241 -11.47 -22.10 -25.75
N GLN A 242 -12.25 -21.07 -25.42
CA GLN A 242 -13.38 -20.55 -26.20
C GLN A 242 -13.35 -19.05 -26.26
N SER A 243 -13.89 -18.48 -27.34
CA SER A 243 -13.95 -17.03 -27.48
C SER A 243 -15.13 -16.54 -26.62
N PRO A 244 -14.96 -15.50 -25.76
CA PRO A 244 -16.09 -15.04 -24.94
C PRO A 244 -17.16 -14.42 -25.83
N ALA A 245 -18.44 -14.53 -25.42
CA ALA A 245 -19.62 -14.01 -26.13
C ALA A 245 -19.48 -12.53 -26.58
N ALA A 246 -18.73 -11.73 -25.81
CA ALA A 246 -18.46 -10.30 -26.03
C ALA A 246 -17.42 -10.06 -27.14
N GLN A 247 -16.48 -11.00 -27.34
CA GLN A 247 -15.46 -10.91 -28.39
C GLN A 247 -15.44 -12.21 -29.23
N PRO A 248 -16.46 -12.41 -30.11
CA PRO A 248 -16.53 -13.66 -30.90
C PRO A 248 -15.39 -13.91 -31.86
N ALA A 249 -14.74 -12.83 -32.34
CA ALA A 249 -13.62 -12.91 -33.28
C ALA A 249 -12.27 -13.21 -32.59
N SER A 250 -12.21 -13.07 -31.26
CA SER A 250 -10.98 -13.29 -30.49
C SER A 250 -10.41 -14.71 -30.59
N PRO A 251 -9.09 -14.85 -30.77
CA PRO A 251 -8.50 -16.20 -30.88
C PRO A 251 -8.83 -17.11 -29.70
N SER A 252 -9.00 -18.40 -29.98
CA SER A 252 -9.28 -19.41 -28.96
C SER A 252 -8.93 -20.78 -29.53
N PHE A 253 -8.79 -21.80 -28.66
CA PHE A 253 -8.54 -23.17 -29.09
C PHE A 253 -9.68 -23.70 -29.96
N ALA A 254 -10.92 -23.24 -29.71
CA ALA A 254 -12.11 -23.65 -30.48
C ALA A 254 -11.92 -23.32 -31.98
N GLN A 255 -11.30 -22.18 -32.29
CA GLN A 255 -11.06 -21.72 -33.68
C GLN A 255 -9.98 -22.52 -34.39
N LEU A 256 -9.07 -23.16 -33.63
CA LEU A 256 -7.95 -23.92 -34.19
C LEU A 256 -8.35 -25.40 -34.35
N VAL A 257 -9.12 -25.64 -35.41
CA VAL A 257 -9.76 -26.92 -35.72
C VAL A 257 -8.78 -28.06 -35.98
N ASP A 258 -7.55 -27.72 -36.41
CA ASP A 258 -6.53 -28.72 -36.67
C ASP A 258 -5.13 -28.08 -36.66
N GLY A 259 -4.10 -28.88 -36.91
CA GLY A 259 -2.71 -28.43 -36.93
C GLY A 259 -2.43 -27.35 -37.96
N HIS A 260 -3.07 -27.42 -39.13
CA HIS A 260 -2.89 -26.42 -40.20
C HIS A 260 -3.43 -25.06 -39.74
N ALA A 261 -4.59 -25.04 -39.03
CA ALA A 261 -5.13 -23.77 -38.49
C ALA A 261 -4.16 -23.21 -37.43
N ALA A 262 -3.59 -24.08 -36.58
CA ALA A 262 -2.61 -23.67 -35.55
C ALA A 262 -1.37 -23.04 -36.24
N ARG A 263 -0.90 -23.63 -37.36
CA ARG A 263 0.23 -23.05 -38.09
C ARG A 263 -0.09 -21.63 -38.60
N ARG A 264 -1.27 -21.42 -39.21
CA ARG A 264 -1.67 -20.11 -39.75
C ARG A 264 -1.75 -19.07 -38.63
N PHE A 265 -2.30 -19.48 -37.49
CA PHE A 265 -2.40 -18.65 -36.28
C PHE A 265 -0.98 -18.23 -35.81
N PHE A 266 -0.05 -19.20 -35.71
CA PHE A 266 1.33 -18.87 -35.31
C PHE A 266 2.03 -17.97 -36.31
N GLN A 267 1.82 -18.22 -37.60
CA GLN A 267 2.44 -17.41 -38.64
C GLN A 267 1.96 -15.96 -38.56
N ARG A 268 0.72 -15.74 -38.20
CA ARG A 268 0.19 -14.39 -38.10
C ARG A 268 0.52 -13.71 -36.77
N GLN A 269 0.29 -14.43 -35.65
CA GLN A 269 0.41 -13.85 -34.31
C GLN A 269 1.76 -13.98 -33.67
N PHE A 270 2.53 -15.04 -34.01
CA PHE A 270 3.88 -15.26 -33.45
C PHE A 270 4.85 -15.50 -34.62
N PRO A 271 5.03 -14.50 -35.53
CA PRO A 271 5.85 -14.74 -36.74
C PRO A 271 7.32 -15.09 -36.50
N ASP A 272 7.91 -14.64 -35.39
CA ASP A 272 9.32 -14.92 -35.12
C ASP A 272 9.48 -16.29 -34.44
N LEU A 273 8.38 -16.86 -33.95
CA LEU A 273 8.38 -18.16 -33.25
C LEU A 273 8.02 -19.30 -34.20
N SER A 274 6.98 -19.11 -35.03
CA SER A 274 6.55 -20.15 -35.98
C SER A 274 7.69 -20.85 -36.74
N PRO A 275 8.74 -20.13 -37.27
CA PRO A 275 9.83 -20.83 -37.99
C PRO A 275 10.64 -21.81 -37.15
N MET A 276 10.64 -21.63 -35.82
CA MET A 276 11.37 -22.52 -34.91
C MET A 276 10.57 -23.76 -34.53
N LEU A 277 9.25 -23.76 -34.83
CA LEU A 277 8.37 -24.86 -34.42
C LEU A 277 8.17 -25.82 -35.59
N ASP A 278 9.15 -26.70 -35.83
CA ASP A 278 9.09 -27.62 -36.97
C ASP A 278 7.96 -28.62 -36.91
N SER A 279 7.58 -29.07 -35.70
CA SER A 279 6.53 -30.10 -35.54
C SER A 279 5.23 -29.51 -35.01
N LEU A 280 5.01 -28.20 -35.23
CA LEU A 280 3.82 -27.51 -34.74
C LEU A 280 2.52 -28.25 -35.03
N GLU A 281 2.29 -28.63 -36.30
CA GLU A 281 1.04 -29.30 -36.69
C GLU A 281 0.81 -30.59 -35.91
N GLN A 282 1.83 -31.46 -35.86
CA GLN A 282 1.78 -32.75 -35.15
C GLN A 282 1.62 -32.56 -33.65
N ASP A 283 2.44 -31.67 -33.04
CA ASP A 283 2.36 -31.41 -31.62
C ASP A 283 0.96 -30.91 -31.25
N PHE A 284 0.42 -30.02 -32.08
CA PHE A 284 -0.90 -29.45 -31.81
C PHE A 284 -1.99 -30.51 -31.78
N GLU A 285 -1.97 -31.43 -32.76
CA GLU A 285 -2.99 -32.47 -32.85
C GLU A 285 -2.79 -33.63 -31.90
N HIS A 286 -1.54 -33.97 -31.57
CA HIS A 286 -1.26 -35.14 -30.72
C HIS A 286 -1.14 -34.81 -29.23
N HIS A 287 -0.79 -33.55 -28.87
CA HIS A 287 -0.69 -33.19 -27.46
C HIS A 287 -2.05 -32.64 -26.98
N PRO A 288 -2.65 -33.21 -25.91
CA PRO A 288 -3.96 -32.70 -25.47
C PRO A 288 -3.89 -31.28 -24.89
N THR A 289 -4.99 -30.53 -25.01
CA THR A 289 -5.08 -29.16 -24.47
C THR A 289 -5.35 -29.29 -22.98
N GLY A 290 -4.47 -28.74 -22.16
CA GLY A 290 -4.61 -28.82 -20.72
C GLY A 290 -5.52 -27.77 -20.12
N LYS A 291 -6.03 -28.07 -18.93
CA LYS A 291 -6.94 -27.22 -18.18
C LYS A 291 -6.22 -26.60 -16.99
N LEU A 292 -6.59 -25.38 -16.66
CA LEU A 292 -6.00 -24.60 -15.55
C LEU A 292 -7.10 -24.17 -14.59
N ALA A 293 -6.77 -24.06 -13.30
CA ALA A 293 -7.77 -23.63 -12.33
C ALA A 293 -7.13 -23.29 -11.01
N THR A 294 -7.87 -22.58 -10.16
CA THR A 294 -7.46 -22.33 -8.78
C THR A 294 -8.51 -23.01 -7.92
N LEU A 295 -8.07 -23.83 -6.97
CA LEU A 295 -9.05 -24.49 -6.08
C LEU A 295 -8.59 -24.23 -4.67
N ARG A 296 -9.50 -23.63 -3.85
CA ARG A 296 -9.26 -23.25 -2.47
C ARG A 296 -10.14 -24.11 -1.55
N LEU A 297 -9.51 -24.73 -0.52
CA LEU A 297 -10.20 -25.62 0.44
C LEU A 297 -10.15 -25.01 1.84
N THR A 298 -11.28 -25.04 2.57
CA THR A 298 -11.21 -24.52 3.93
CA THR A 298 -11.30 -24.54 3.94
C THR A 298 -10.56 -25.52 4.85
N THR A 299 -10.72 -26.79 4.53
CA THR A 299 -10.21 -27.92 5.30
C THR A 299 -9.21 -28.75 4.48
N TRP A 300 -8.03 -29.07 5.07
CA TRP A 300 -7.05 -29.94 4.37
C TRP A 300 -6.87 -31.30 5.05
N HIS A 301 -7.55 -31.52 6.18
CA HIS A 301 -7.33 -32.76 6.90
C HIS A 301 -8.62 -33.30 7.54
N VAL A 302 -8.58 -34.60 7.83
CA VAL A 302 -9.65 -35.30 8.57
C VAL A 302 -9.00 -35.81 9.85
N GLY A 303 -9.22 -35.10 10.96
CA GLY A 303 -8.65 -35.43 12.27
C GLY A 303 -7.17 -35.73 12.15
N GLY A 304 -6.76 -36.87 12.68
CA GLY A 304 -5.37 -37.32 12.56
C GLY A 304 -5.25 -38.39 11.50
N GLN A 305 -6.32 -38.62 10.70
CA GLN A 305 -6.29 -39.73 9.74
C GLN A 305 -5.76 -39.41 8.39
N ALA A 306 -6.09 -38.20 7.86
CA ALA A 306 -5.65 -37.92 6.48
C ALA A 306 -5.36 -36.47 6.31
N VAL A 307 -4.46 -36.16 5.38
CA VAL A 307 -4.11 -34.76 5.09
C VAL A 307 -3.77 -34.64 3.62
N LEU A 308 -3.96 -33.45 3.05
CA LEU A 308 -3.61 -33.20 1.64
C LEU A 308 -2.40 -32.25 1.60
N LEU A 309 -1.61 -32.35 0.53
CA LEU A 309 -0.54 -31.35 0.34
C LEU A 309 -0.30 -31.18 -1.13
N GLY A 310 0.43 -30.12 -1.51
CA GLY A 310 0.75 -29.92 -2.91
C GLY A 310 -0.49 -29.58 -3.71
N ASP A 311 -0.54 -30.02 -4.99
CA ASP A 311 -1.70 -29.76 -5.83
C ASP A 311 -3.00 -30.40 -5.31
N ALA A 312 -2.90 -31.47 -4.51
CA ALA A 312 -4.10 -32.07 -3.94
C ALA A 312 -4.81 -31.07 -3.02
N ALA A 313 -4.03 -30.20 -2.34
CA ALA A 313 -4.57 -29.22 -1.39
C ALA A 313 -4.86 -27.88 -2.02
N HIS A 314 -4.02 -27.45 -2.99
CA HIS A 314 -4.18 -26.07 -3.49
C HIS A 314 -3.78 -25.89 -4.96
N PRO A 315 -4.57 -26.47 -5.88
CA PRO A 315 -4.33 -26.24 -7.33
C PRO A 315 -4.23 -24.74 -7.60
N MET A 316 -3.22 -24.33 -8.38
CA MET A 316 -3.06 -22.91 -8.71
C MET A 316 -2.76 -22.74 -10.16
N VAL A 317 -2.96 -21.52 -10.71
CA VAL A 317 -2.59 -21.28 -12.12
C VAL A 317 -1.06 -21.24 -12.20
N PRO A 318 -0.45 -21.56 -13.36
CA PRO A 318 1.01 -21.73 -13.37
C PRO A 318 1.85 -20.49 -13.68
N PHE A 319 1.22 -19.33 -13.69
CA PHE A 319 1.88 -18.12 -14.20
C PHE A 319 3.01 -17.54 -13.35
N HIS A 320 3.31 -18.15 -12.19
CA HIS A 320 4.47 -17.79 -11.39
C HIS A 320 5.51 -18.90 -11.28
N GLY A 321 5.26 -20.08 -11.90
CA GLY A 321 6.21 -21.20 -11.78
C GLY A 321 6.49 -21.53 -10.33
N GLN A 322 5.40 -21.61 -9.51
CA GLN A 322 5.60 -21.90 -8.09
C GLN A 322 4.82 -23.11 -7.57
N GLY A 323 4.06 -23.79 -8.40
CA GLY A 323 3.28 -24.94 -7.92
C GLY A 323 4.14 -26.06 -7.33
N MET A 324 5.17 -26.47 -8.10
CA MET A 324 6.10 -27.50 -7.61
CA MET A 324 6.10 -27.50 -7.61
C MET A 324 6.88 -26.92 -6.43
N ASN A 325 7.35 -25.66 -6.54
CA ASN A 325 8.13 -25.05 -5.46
C ASN A 325 7.33 -25.05 -4.15
N CYS A 326 6.06 -24.66 -4.23
CA CYS A 326 5.14 -24.64 -3.09
C CYS A 326 4.92 -26.09 -2.57
N ALA A 327 4.75 -27.05 -3.48
CA ALA A 327 4.48 -28.45 -3.09
C ALA A 327 5.67 -29.03 -2.31
N LEU A 328 6.91 -28.73 -2.77
CA LEU A 328 8.10 -29.21 -2.05
C LEU A 328 8.24 -28.54 -0.66
N GLU A 329 7.93 -27.22 -0.59
CA GLU A 329 7.93 -26.48 0.68
C GLU A 329 6.88 -27.16 1.62
N ASP A 330 5.71 -27.52 1.07
CA ASP A 330 4.67 -28.19 1.87
C ASP A 330 5.21 -29.52 2.43
N ALA A 331 5.89 -30.30 1.60
CA ALA A 331 6.44 -31.61 2.00
C ALA A 331 7.38 -31.45 3.20
N VAL A 332 8.27 -30.43 3.15
CA VAL A 332 9.18 -30.19 4.26
C VAL A 332 8.38 -29.85 5.53
N ALA A 333 7.40 -28.93 5.39
CA ALA A 333 6.60 -28.53 6.54
C ALA A 333 5.83 -29.72 7.12
N LEU A 334 5.20 -30.53 6.27
CA LEU A 334 4.41 -31.67 6.79
C LEU A 334 5.30 -32.69 7.50
N ALA A 335 6.46 -33.02 6.93
CA ALA A 335 7.36 -33.96 7.60
C ALA A 335 7.84 -33.42 8.95
N GLU A 336 8.13 -32.11 9.02
CA GLU A 336 8.57 -31.46 10.26
C GLU A 336 7.48 -31.53 11.34
N HIS A 337 6.23 -31.18 10.95
CA HIS A 337 5.11 -31.26 11.89
C HIS A 337 4.87 -32.70 12.37
N LEU A 338 4.83 -33.67 11.43
CA LEU A 338 4.60 -35.08 11.79
C LEU A 338 5.67 -35.63 12.70
N GLN A 339 6.92 -35.28 12.42
CA GLN A 339 8.01 -35.83 13.20
C GLN A 339 7.97 -35.43 14.68
N SER A 340 7.64 -34.14 14.94
CA SER A 340 7.76 -33.56 16.28
CA SER A 340 7.77 -33.61 16.29
C SER A 340 6.48 -33.32 17.03
N ALA A 341 5.31 -33.63 16.44
CA ALA A 341 4.05 -33.33 17.15
C ALA A 341 3.74 -34.32 18.26
N ALA A 342 2.81 -33.96 19.16
CA ALA A 342 2.36 -34.83 20.26
C ALA A 342 1.64 -36.07 19.69
N ASP A 343 0.93 -35.88 18.57
CA ASP A 343 0.16 -36.92 17.90
C ASP A 343 -0.15 -36.46 16.46
N ASN A 344 -0.62 -37.38 15.60
CA ASN A 344 -0.92 -37.01 14.21
C ASN A 344 -2.00 -35.95 14.10
N ALA A 345 -3.06 -36.02 14.94
CA ALA A 345 -4.12 -35.00 14.85
C ALA A 345 -3.56 -33.58 15.09
N SER A 346 -2.66 -33.43 16.09
CA SER A 346 -2.04 -32.14 16.39
C SER A 346 -1.15 -31.69 15.23
N ALA A 347 -0.40 -32.64 14.65
CA ALA A 347 0.48 -32.34 13.53
C ALA A 347 -0.31 -31.83 12.31
N LEU A 348 -1.42 -32.51 11.98
CA LEU A 348 -2.18 -32.12 10.77
C LEU A 348 -2.85 -30.76 10.94
N ALA A 349 -3.38 -30.49 12.13
CA ALA A 349 -4.02 -29.19 12.38
C ALA A 349 -2.97 -28.08 12.30
N ALA A 350 -1.77 -28.30 12.89
CA ALA A 350 -0.70 -27.28 12.91
C ALA A 350 -0.15 -27.04 11.49
N PHE A 351 0.02 -28.14 10.72
CA PHE A 351 0.49 -28.03 9.35
C PHE A 351 -0.48 -27.18 8.51
N THR A 352 -1.79 -27.49 8.62
CA THR A 352 -2.84 -26.78 7.86
C THR A 352 -2.88 -25.30 8.25
N ALA A 353 -2.86 -25.00 9.56
CA ALA A 353 -2.92 -23.60 10.03
C ALA A 353 -1.72 -22.79 9.52
N GLN A 354 -0.53 -23.42 9.49
CA GLN A 354 0.69 -22.74 9.04
C GLN A 354 0.65 -22.48 7.52
N ARG A 355 0.29 -23.51 6.74
CA ARG A 355 0.41 -23.42 5.29
C ARG A 355 -0.75 -22.76 4.55
N GLN A 356 -2.00 -22.88 5.08
CA GLN A 356 -3.14 -22.33 4.34
C GLN A 356 -2.99 -20.86 3.94
N PRO A 357 -2.59 -19.92 4.85
CA PRO A 357 -2.49 -18.51 4.43
C PRO A 357 -1.44 -18.31 3.34
N ASP A 358 -0.37 -19.13 3.38
CA ASP A 358 0.67 -19.04 2.37
C ASP A 358 0.20 -19.59 1.02
N ALA A 359 -0.54 -20.73 1.02
CA ALA A 359 -1.08 -21.27 -0.24
C ALA A 359 -2.06 -20.23 -0.87
N LEU A 360 -2.91 -19.59 -0.05
CA LEU A 360 -3.84 -18.56 -0.58
C LEU A 360 -3.06 -17.42 -1.24
N ALA A 361 -1.96 -17.01 -0.60
CA ALA A 361 -1.13 -15.89 -1.11
C ALA A 361 -0.48 -16.25 -2.47
N ILE A 362 0.16 -17.42 -2.59
CA ILE A 362 0.75 -17.79 -3.88
C ILE A 362 -0.35 -18.01 -4.94
N GLN A 363 -1.55 -18.53 -4.57
CA GLN A 363 -2.64 -18.66 -5.54
C GLN A 363 -3.02 -17.28 -6.12
N ALA A 364 -3.08 -16.25 -5.26
CA ALA A 364 -3.43 -14.90 -5.70
C ALA A 364 -2.30 -14.27 -6.56
N MET A 365 -1.05 -14.44 -6.11
CA MET A 365 0.10 -13.87 -6.83
C MET A 365 0.32 -14.55 -8.20
N ALA A 366 0.01 -15.86 -8.30
CA ALA A 366 0.13 -16.58 -9.56
C ALA A 366 -0.89 -16.01 -10.58
N LEU A 367 -2.12 -15.77 -10.15
CA LEU A 367 -3.16 -15.18 -11.01
C LEU A 367 -2.69 -13.78 -11.48
N GLU A 368 -2.13 -12.96 -10.55
CA GLU A 368 -1.68 -11.60 -10.90
C GLU A 368 -0.49 -11.59 -11.87
N ASN A 369 0.37 -12.63 -11.82
CA ASN A 369 1.56 -12.62 -12.67
C ASN A 369 1.26 -12.75 -14.16
N TYR A 370 0.06 -13.21 -14.54
CA TYR A 370 -0.31 -13.36 -15.96
C TYR A 370 -0.18 -11.99 -16.68
N VAL A 371 -0.76 -10.93 -16.09
CA VAL A 371 -0.71 -9.61 -16.74
C VAL A 371 0.71 -9.07 -16.84
N GLU A 372 1.58 -9.42 -15.87
CA GLU A 372 2.98 -9.02 -15.84
C GLU A 372 3.74 -9.65 -16.99
N MET A 373 3.36 -10.87 -17.37
CA MET A 373 4.03 -11.56 -18.46
C MET A 373 3.48 -11.27 -19.87
N SER A 374 2.15 -11.14 -19.99
CA SER A 374 1.49 -11.10 -21.28
C SER A 374 1.31 -9.71 -21.89
N SER A 375 1.68 -8.66 -21.16
CA SER A 375 1.58 -7.27 -21.62
C SER A 375 2.52 -6.99 -22.81
N SER A 379 4.24 0.36 -20.87
CA SER A 379 3.61 1.62 -20.48
C SER A 379 4.60 2.59 -19.83
N PRO A 380 4.59 3.92 -20.16
CA PRO A 380 5.54 4.86 -19.53
C PRO A 380 5.44 4.95 -18.00
N THR A 381 4.22 4.72 -17.42
CA THR A 381 4.00 4.70 -15.96
C THR A 381 4.79 3.53 -15.33
N TYR A 382 4.75 2.35 -16.00
CA TYR A 382 5.44 1.13 -15.59
C TYR A 382 6.95 1.34 -15.50
N LEU A 383 7.53 1.95 -16.54
CA LEU A 383 8.97 2.21 -16.63
C LEU A 383 9.46 3.13 -15.50
N LEU A 384 8.67 4.17 -15.18
CA LEU A 384 9.00 5.13 -14.12
C LEU A 384 8.94 4.44 -12.75
N GLU A 385 7.89 3.65 -12.50
CA GLU A 385 7.72 2.87 -11.27
C GLU A 385 8.88 1.87 -11.12
N ARG A 386 9.24 1.18 -12.21
CA ARG A 386 10.34 0.20 -12.24
C ARG A 386 11.67 0.87 -11.88
N GLU A 387 11.96 2.04 -12.51
CA GLU A 387 13.19 2.79 -12.29
C GLU A 387 13.27 3.26 -10.84
N LEU A 388 12.14 3.76 -10.29
CA LEU A 388 12.07 4.23 -8.91
C LEU A 388 12.29 3.05 -7.94
N GLY A 389 11.64 1.93 -8.20
CA GLY A 389 11.80 0.70 -7.43
C GLY A 389 13.24 0.23 -7.39
N GLN A 390 13.97 0.37 -8.54
CA GLN A 390 15.40 0.02 -8.66
C GLN A 390 16.27 0.87 -7.75
N ILE A 391 16.00 2.19 -7.69
CA ILE A 391 16.72 3.12 -6.82
C ILE A 391 16.45 2.76 -5.36
N MET A 392 15.18 2.46 -5.02
CA MET A 392 14.82 2.12 -3.65
C MET A 392 15.49 0.81 -3.20
N ALA A 393 15.63 -0.14 -4.13
CA ALA A 393 16.28 -1.42 -3.86
C ALA A 393 17.78 -1.21 -3.63
N GLN A 394 18.40 -0.26 -4.36
CA GLN A 394 19.83 0.09 -4.24
C GLN A 394 20.09 0.81 -2.90
N ARG A 395 19.20 1.75 -2.53
CA ARG A 395 19.32 2.50 -1.30
C ARG A 395 19.03 1.66 -0.08
N GLN A 396 18.00 0.82 -0.17
CA GLN A 396 17.54 0.04 0.97
C GLN A 396 17.38 -1.44 0.60
N PRO A 397 18.50 -2.18 0.38
CA PRO A 397 18.39 -3.57 -0.07
C PRO A 397 17.77 -4.55 0.91
N THR A 398 17.71 -4.23 2.21
CA THR A 398 17.10 -5.14 3.20
C THR A 398 15.63 -4.79 3.45
N ARG A 399 15.14 -3.67 2.85
CA ARG A 399 13.75 -3.26 3.04
C ARG A 399 12.94 -3.34 1.75
N PHE A 400 13.50 -2.82 0.65
CA PHE A 400 12.81 -2.81 -0.65
C PHE A 400 13.35 -3.95 -1.51
N ILE A 401 12.60 -5.08 -1.54
CA ILE A 401 12.98 -6.28 -2.27
C ILE A 401 11.82 -6.56 -3.21
N PRO A 402 12.04 -6.47 -4.55
CA PRO A 402 10.91 -6.70 -5.50
C PRO A 402 10.13 -7.99 -5.17
N ARG A 403 8.80 -7.95 -5.28
CA ARG A 403 7.97 -9.11 -4.98
C ARG A 403 8.43 -10.38 -5.73
N TYR A 404 8.81 -10.23 -7.02
CA TYR A 404 9.31 -11.41 -7.76
C TYR A 404 10.51 -12.05 -7.02
N SER A 405 11.42 -11.22 -6.49
CA SER A 405 12.57 -11.73 -5.76
C SER A 405 12.15 -12.37 -4.44
N MET A 406 11.23 -11.76 -3.69
CA MET A 406 10.80 -12.36 -2.42
C MET A 406 10.17 -13.76 -2.66
N VAL A 407 9.34 -13.86 -3.70
CA VAL A 407 8.70 -15.14 -4.02
C VAL A 407 9.73 -16.17 -4.54
N THR A 408 10.59 -15.72 -5.46
CA THR A 408 11.47 -16.64 -6.20
C THR A 408 12.80 -16.95 -5.54
N PHE A 409 13.43 -15.97 -4.87
CA PHE A 409 14.77 -16.14 -4.32
C PHE A 409 14.84 -16.19 -2.82
N SER A 410 13.71 -16.14 -2.15
CA SER A 410 13.70 -16.20 -0.69
C SER A 410 12.70 -17.24 -0.20
N ARG A 411 12.78 -17.52 1.11
CA ARG A 411 11.88 -18.46 1.79
C ARG A 411 10.93 -17.72 2.74
N LEU A 412 10.80 -16.39 2.53
CA LEU A 412 9.86 -15.57 3.31
C LEU A 412 8.46 -16.20 3.10
N PRO A 413 7.64 -16.37 4.15
CA PRO A 413 6.31 -16.94 3.93
C PRO A 413 5.58 -16.20 2.78
N TYR A 414 4.98 -16.94 1.83
CA TYR A 414 4.29 -16.29 0.71
C TYR A 414 3.38 -15.14 1.15
N ALA A 415 2.61 -15.29 2.25
CA ALA A 415 1.72 -14.21 2.70
C ALA A 415 2.48 -12.92 3.05
N GLN A 416 3.71 -13.06 3.60
CA GLN A 416 4.54 -11.90 3.94
C GLN A 416 5.10 -11.27 2.66
N ALA A 417 5.54 -12.10 1.70
CA ALA A 417 5.99 -11.60 0.40
C ALA A 417 4.86 -10.80 -0.27
N MET A 418 3.62 -11.32 -0.22
CA MET A 418 2.49 -10.61 -0.80
C MET A 418 2.21 -9.28 -0.08
N ALA A 419 2.21 -9.30 1.26
CA ALA A 419 1.93 -8.10 2.06
C ALA A 419 2.98 -7.02 1.81
N ARG A 420 4.28 -7.39 1.84
CA ARG A 420 5.35 -6.42 1.60
C ARG A 420 5.30 -5.94 0.14
N GLY A 421 4.96 -6.84 -0.79
CA GLY A 421 4.84 -6.51 -2.20
C GLY A 421 3.74 -5.47 -2.45
N GLN A 422 2.66 -5.57 -1.68
CA GLN A 422 1.55 -4.63 -1.81
C GLN A 422 2.01 -3.24 -1.32
N ILE A 423 2.69 -3.19 -0.15
CA ILE A 423 3.23 -1.96 0.40
C ILE A 423 4.11 -1.27 -0.65
N GLN A 424 5.02 -2.04 -1.27
CA GLN A 424 5.92 -1.50 -2.28
C GLN A 424 5.18 -0.99 -3.51
N GLU A 425 4.21 -1.80 -4.03
CA GLU A 425 3.42 -1.42 -5.20
C GLU A 425 2.67 -0.11 -4.94
N GLN A 426 2.06 0.04 -3.75
CA GLN A 426 1.32 1.26 -3.39
C GLN A 426 2.23 2.46 -3.27
N LEU A 427 3.40 2.27 -2.65
CA LEU A 427 4.45 3.25 -2.43
C LEU A 427 4.92 3.80 -3.78
N LEU A 428 5.20 2.91 -4.76
CA LEU A 428 5.66 3.33 -6.10
C LEU A 428 4.56 4.05 -6.87
N LYS A 429 3.33 3.47 -6.87
CA LYS A 429 2.15 4.01 -7.56
C LYS A 429 1.90 5.44 -7.11
N PHE A 430 1.93 5.63 -5.79
CA PHE A 430 1.69 6.92 -5.21
C PHE A 430 2.81 7.90 -5.55
N ALA A 431 4.08 7.48 -5.39
CA ALA A 431 5.23 8.36 -5.66
C ALA A 431 5.32 8.83 -7.10
N VAL A 432 4.93 7.98 -8.07
CA VAL A 432 5.00 8.36 -9.49
C VAL A 432 3.75 9.15 -9.94
N ALA A 433 2.61 9.00 -9.21
CA ALA A 433 1.36 9.72 -9.52
C ALA A 433 1.62 11.22 -9.57
N ASN A 434 1.16 11.88 -10.65
CA ASN A 434 1.32 13.34 -10.91
C ASN A 434 2.78 13.71 -11.27
N HIS A 435 3.59 12.75 -11.71
CA HIS A 435 4.98 13.01 -12.11
C HIS A 435 5.25 12.51 -13.54
N SER A 436 5.98 13.32 -14.33
CA SER A 436 6.33 12.98 -15.72
C SER A 436 7.58 12.10 -15.77
N ASP A 437 8.61 12.46 -14.99
CA ASP A 437 9.90 11.76 -14.89
C ASP A 437 10.44 11.77 -13.46
N LEU A 438 11.54 11.03 -13.23
CA LEU A 438 12.23 10.90 -11.94
C LEU A 438 12.81 12.17 -11.34
N THR A 439 13.22 13.13 -12.20
CA THR A 439 13.84 14.40 -11.78
C THR A 439 12.95 15.25 -10.87
N SER A 440 11.61 15.11 -10.98
CA SER A 440 10.67 15.86 -10.13
C SER A 440 10.25 15.08 -8.87
N ILE A 441 10.73 13.82 -8.74
CA ILE A 441 10.43 12.95 -7.59
C ILE A 441 11.44 13.15 -6.46
N ASN A 442 10.95 13.48 -5.24
CA ASN A 442 11.74 13.64 -4.03
C ASN A 442 12.07 12.22 -3.54
N LEU A 443 13.28 11.73 -3.87
CA LEU A 443 13.72 10.37 -3.51
C LEU A 443 13.79 10.13 -2.00
N ASP A 444 14.15 11.15 -1.21
CA ASP A 444 14.22 11.03 0.25
C ASP A 444 12.85 10.79 0.87
N ALA A 445 11.82 11.48 0.35
CA ALA A 445 10.44 11.30 0.83
C ALA A 445 9.98 9.85 0.55
N VAL A 446 10.33 9.31 -0.64
CA VAL A 446 9.99 7.92 -1.04
C VAL A 446 10.73 6.95 -0.08
N GLU A 447 12.04 7.23 0.17
CA GLU A 447 12.87 6.41 1.04
C GLU A 447 12.35 6.44 2.50
N HIS A 448 11.79 7.60 2.93
CA HIS A 448 11.18 7.80 4.25
C HIS A 448 9.99 6.86 4.38
N GLU A 449 9.19 6.74 3.29
CA GLU A 449 8.05 5.85 3.27
C GLU A 449 8.56 4.41 3.37
N VAL A 450 9.68 4.09 2.69
CA VAL A 450 10.29 2.74 2.72
C VAL A 450 10.71 2.39 4.16
N THR A 451 11.47 3.26 4.84
CA THR A 451 11.92 3.03 6.23
C THR A 451 10.76 3.00 7.21
N ARG A 452 9.70 3.77 6.94
CA ARG A 452 8.52 3.84 7.80
C ARG A 452 7.63 2.61 7.67
N CYS A 453 7.48 2.06 6.45
CA CYS A 453 6.52 0.98 6.18
C CYS A 453 7.13 -0.40 6.04
N LEU A 454 8.43 -0.51 5.78
CA LEU A 454 9.06 -1.80 5.53
C LEU A 454 10.20 -2.13 6.53
N PRO A 455 9.95 -3.00 7.54
CA PRO A 455 11.04 -3.38 8.46
C PRO A 455 12.17 -4.13 7.75
N PRO A 456 13.45 -3.95 8.18
CA PRO A 456 14.54 -4.65 7.48
C PRO A 456 14.45 -6.16 7.68
N LEU A 457 14.81 -6.91 6.64
CA LEU A 457 14.80 -8.37 6.66
C LEU A 457 16.22 -8.90 6.80
N ALA B 7 -24.99 31.90 -17.34
CA ALA B 7 -24.02 31.82 -16.24
C ALA B 7 -23.67 30.37 -15.90
N ARG B 8 -22.38 30.09 -15.63
CA ARG B 8 -21.96 28.73 -15.24
C ARG B 8 -22.54 28.39 -13.86
N GLN B 9 -22.89 27.13 -13.65
CA GLN B 9 -23.54 26.66 -12.43
C GLN B 9 -22.62 25.78 -11.62
N VAL B 10 -22.79 25.84 -10.29
CA VAL B 10 -22.01 25.01 -9.40
C VAL B 10 -22.78 24.72 -8.12
N THR B 11 -22.57 23.51 -7.59
CA THR B 11 -23.18 23.07 -6.34
C THR B 11 -22.00 22.77 -5.40
N ILE B 12 -22.03 23.34 -4.20
CA ILE B 12 -20.95 23.14 -3.23
C ILE B 12 -21.51 22.47 -2.00
N ILE B 13 -20.83 21.41 -1.53
CA ILE B 13 -21.27 20.72 -0.33
C ILE B 13 -20.32 21.12 0.77
N GLY B 14 -20.86 21.75 1.80
CA GLY B 14 -20.09 22.14 2.98
C GLY B 14 -19.87 23.63 3.06
N ALA B 15 -20.64 24.29 3.95
CA ALA B 15 -20.49 25.72 4.20
C ALA B 15 -19.54 25.92 5.38
N GLY B 16 -18.32 25.39 5.21
CA GLY B 16 -17.26 25.49 6.22
C GLY B 16 -16.37 26.64 5.87
N LEU B 17 -15.08 26.44 5.87
CA LEU B 17 -14.17 27.54 5.54
C LEU B 17 -13.85 27.60 4.03
N ALA B 18 -13.41 26.47 3.45
CA ALA B 18 -13.13 26.44 2.04
C ALA B 18 -14.41 26.63 1.17
N GLY B 19 -15.49 25.92 1.54
CA GLY B 19 -16.72 25.93 0.76
C GLY B 19 -17.34 27.31 0.65
N THR B 20 -17.36 28.02 1.77
CA THR B 20 -17.95 29.38 1.80
CA THR B 20 -17.95 29.34 1.81
C THR B 20 -17.07 30.37 1.06
N LEU B 21 -15.74 30.22 1.18
CA LEU B 21 -14.84 31.14 0.45
C LEU B 21 -14.96 30.91 -1.06
N VAL B 22 -14.95 29.64 -1.51
CA VAL B 22 -15.06 29.42 -2.95
C VAL B 22 -16.45 29.88 -3.47
N ALA B 23 -17.51 29.74 -2.65
CA ALA B 23 -18.83 30.23 -3.02
C ALA B 23 -18.82 31.72 -3.27
N ARG B 24 -18.12 32.51 -2.41
CA ARG B 24 -18.06 33.95 -2.62
C ARG B 24 -17.28 34.29 -3.89
N LEU B 25 -16.12 33.65 -4.08
CA LEU B 25 -15.27 33.96 -5.24
C LEU B 25 -15.98 33.66 -6.56
N LEU B 26 -16.68 32.53 -6.61
CA LEU B 26 -17.42 32.15 -7.82
C LEU B 26 -18.64 33.03 -8.03
N ALA B 27 -19.42 33.27 -6.95
CA ALA B 27 -20.64 34.07 -7.11
C ALA B 27 -20.33 35.50 -7.55
N ARG B 28 -19.25 36.09 -7.03
CA ARG B 28 -18.98 37.47 -7.44
C ARG B 28 -18.45 37.54 -8.89
N ASN B 29 -18.03 36.38 -9.43
CA ASN B 29 -17.64 36.23 -10.83
C ASN B 29 -18.87 35.87 -11.70
N GLY B 30 -20.06 35.93 -11.13
CA GLY B 30 -21.31 35.69 -11.85
C GLY B 30 -21.79 34.26 -11.96
N TRP B 31 -21.10 33.30 -11.27
CA TRP B 31 -21.57 31.92 -11.28
C TRP B 31 -22.89 31.81 -10.48
N GLN B 32 -23.73 30.85 -10.86
CA GLN B 32 -24.96 30.55 -10.12
C GLN B 32 -24.48 29.52 -9.08
N VAL B 33 -24.43 29.92 -7.80
CA VAL B 33 -23.88 29.07 -6.72
C VAL B 33 -24.96 28.64 -5.73
N ASN B 34 -25.05 27.32 -5.46
CA ASN B 34 -25.93 26.79 -4.41
C ASN B 34 -24.99 26.01 -3.49
N LEU B 35 -25.03 26.33 -2.21
CA LEU B 35 -24.13 25.77 -1.18
C LEU B 35 -25.04 25.03 -0.19
N PHE B 36 -24.78 23.72 0.03
CA PHE B 36 -25.58 22.91 0.95
C PHE B 36 -24.76 22.59 2.18
N GLU B 37 -25.34 22.77 3.35
CA GLU B 37 -24.66 22.55 4.62
C GLU B 37 -25.53 21.64 5.52
N ARG B 38 -24.93 20.61 6.15
CA ARG B 38 -25.66 19.69 7.03
C ARG B 38 -26.13 20.36 8.32
N ARG B 39 -25.30 21.24 8.89
CA ARG B 39 -25.60 21.88 10.16
C ARG B 39 -26.64 23.00 9.98
N PRO B 40 -27.23 23.48 11.10
CA PRO B 40 -28.07 24.67 11.02
C PRO B 40 -27.21 25.90 10.75
N ASP B 41 -27.90 27.01 10.38
CA ASP B 41 -27.21 28.30 10.17
C ASP B 41 -26.69 28.81 11.52
N PRO B 42 -25.36 28.93 11.72
CA PRO B 42 -24.83 29.41 13.02
C PRO B 42 -25.18 30.86 13.34
N ARG B 43 -25.64 31.61 12.32
CA ARG B 43 -26.03 33.01 12.50
C ARG B 43 -27.43 33.12 13.13
N ILE B 44 -28.21 32.03 13.13
CA ILE B 44 -29.56 32.04 13.76
C ILE B 44 -29.36 31.68 15.22
N GLU B 45 -29.55 32.66 16.13
CA GLU B 45 -29.33 32.43 17.54
C GLU B 45 -30.37 31.49 18.12
N THR B 46 -29.90 30.50 18.90
CA THR B 46 -30.75 29.55 19.63
C THR B 46 -30.38 29.64 21.11
N GLY B 47 -31.00 28.81 21.94
CA GLY B 47 -30.70 28.81 23.37
C GLY B 47 -29.55 27.90 23.73
N ALA B 48 -28.88 27.31 22.71
CA ALA B 48 -27.75 26.39 22.92
C ALA B 48 -26.46 27.18 23.05
N ARG B 49 -25.53 26.67 23.85
CA ARG B 49 -24.25 27.31 24.10
C ARG B 49 -23.22 26.90 23.04
N GLY B 50 -22.89 27.85 22.17
CA GLY B 50 -21.91 27.65 21.11
C GLY B 50 -20.49 27.56 21.67
N ARG B 51 -19.73 26.54 21.24
CA ARG B 51 -18.35 26.30 21.66
C ARG B 51 -17.45 25.96 20.46
N SER B 52 -16.43 26.78 20.21
CA SER B 52 -15.50 26.52 19.13
C SER B 52 -14.11 27.00 19.50
N ILE B 53 -13.12 26.45 18.82
CA ILE B 53 -11.75 26.84 19.10
C ILE B 53 -11.35 28.04 18.26
N ASN B 54 -10.21 28.66 18.62
CA ASN B 54 -9.56 29.69 17.85
C ASN B 54 -8.54 29.03 16.97
N LEU B 55 -8.38 29.58 15.78
CA LEU B 55 -7.43 29.11 14.77
C LEU B 55 -6.35 30.13 14.54
N ALA B 56 -5.17 29.64 14.19
CA ALA B 56 -4.03 30.46 13.79
C ALA B 56 -4.21 30.79 12.31
N LEU B 57 -4.47 32.06 12.06
CA LEU B 57 -4.62 32.61 10.71
C LEU B 57 -3.29 33.24 10.35
N ALA B 58 -2.69 32.71 9.29
CA ALA B 58 -1.39 33.15 8.85
C ALA B 58 -1.46 33.81 7.45
N GLU B 59 -0.30 34.15 6.86
CA GLU B 59 -0.32 34.92 5.61
C GLU B 59 -1.14 34.25 4.49
N ARG B 60 -1.08 32.93 4.35
CA ARG B 60 -1.84 32.22 3.30
C ARG B 60 -3.33 32.42 3.42
N GLY B 61 -3.85 32.22 4.64
CA GLY B 61 -5.28 32.41 4.87
C GLY B 61 -5.64 33.89 4.77
N ALA B 62 -4.80 34.77 5.37
CA ALA B 62 -5.09 36.21 5.34
C ALA B 62 -5.13 36.76 3.92
N HIS B 63 -4.19 36.32 3.08
CA HIS B 63 -4.15 36.78 1.69
C HIS B 63 -5.40 36.28 0.93
N ALA B 64 -5.84 35.04 1.21
CA ALA B 64 -7.08 34.53 0.58
C ALA B 64 -8.26 35.41 0.96
N LEU B 65 -8.34 35.79 2.27
CA LEU B 65 -9.42 36.66 2.72
C LEU B 65 -9.28 38.05 2.10
N ARG B 66 -8.03 38.53 1.93
CA ARG B 66 -7.74 39.84 1.33
C ARG B 66 -8.26 39.87 -0.12
N LEU B 67 -7.98 38.82 -0.90
CA LEU B 67 -8.47 38.71 -2.29
C LEU B 67 -10.00 38.74 -2.31
N ALA B 68 -10.63 38.12 -1.29
CA ALA B 68 -12.10 38.08 -1.17
C ALA B 68 -12.73 39.36 -0.63
N GLY B 69 -11.92 40.31 -0.15
CA GLY B 69 -12.45 41.55 0.42
C GLY B 69 -12.95 41.41 1.85
N LEU B 70 -12.53 40.33 2.56
CA LEU B 70 -13.00 40.04 3.93
C LEU B 70 -11.94 40.15 5.02
N GLU B 71 -10.67 40.44 4.67
CA GLU B 71 -9.61 40.41 5.67
C GLU B 71 -9.84 41.40 6.82
N ARG B 72 -10.19 42.66 6.49
CA ARG B 72 -10.39 43.69 7.53
C ARG B 72 -11.45 43.27 8.54
N GLU B 73 -12.59 42.73 8.05
CA GLU B 73 -13.65 42.26 8.95
C GLU B 73 -13.17 41.11 9.86
N VAL B 74 -12.40 40.16 9.30
CA VAL B 74 -11.92 39.04 10.10
C VAL B 74 -10.89 39.51 11.13
N LEU B 75 -9.94 40.35 10.69
CA LEU B 75 -8.87 40.82 11.60
C LEU B 75 -9.41 41.64 12.76
N ALA B 76 -10.56 42.35 12.56
CA ALA B 76 -11.18 43.13 13.64
C ALA B 76 -11.56 42.25 14.84
N GLU B 77 -11.77 40.93 14.57
CA GLU B 77 -12.22 39.97 15.57
C GLU B 77 -11.10 39.01 15.94
N ALA B 78 -9.85 39.34 15.59
CA ALA B 78 -8.74 38.44 15.90
C ALA B 78 -7.71 39.04 16.83
N VAL B 79 -7.10 38.20 17.66
CA VAL B 79 -6.01 38.61 18.59
C VAL B 79 -4.67 38.50 17.85
N MET B 80 -3.81 39.52 18.01
CA MET B 80 -2.50 39.51 17.37
C MET B 80 -1.55 38.67 18.18
N MET B 81 -0.87 37.71 17.54
CA MET B 81 0.16 36.91 18.22
C MET B 81 1.50 37.34 17.60
N ARG B 82 2.28 38.11 18.38
CA ARG B 82 3.54 38.68 17.90
C ARG B 82 4.75 37.77 18.00
N GLY B 83 4.60 36.65 18.70
CA GLY B 83 5.67 35.71 18.87
C GLY B 83 5.19 34.45 19.55
N ARG B 84 6.10 33.54 19.73
CA ARG B 84 5.82 32.25 20.39
C ARG B 84 6.40 32.31 21.81
N MET B 85 5.58 32.02 22.82
CA MET B 85 6.04 31.98 24.19
C MET B 85 6.29 30.54 24.54
N VAL B 86 7.56 30.17 24.65
CA VAL B 86 7.93 28.79 24.94
C VAL B 86 8.11 28.62 26.46
N HIS B 87 7.42 27.65 27.06
CA HIS B 87 7.49 27.37 28.49
C HIS B 87 8.34 26.11 28.69
N VAL B 88 9.67 26.25 28.92
CA VAL B 88 10.56 25.08 29.10
C VAL B 88 10.89 24.98 30.60
N PRO B 89 10.64 23.81 31.25
CA PRO B 89 10.90 23.70 32.71
C PRO B 89 12.35 24.05 33.05
N GLY B 90 12.52 24.81 34.12
CA GLY B 90 13.83 25.26 34.55
C GLY B 90 14.15 26.69 34.16
N THR B 91 13.36 27.28 33.24
CA THR B 91 13.61 28.66 32.83
C THR B 91 12.28 29.43 32.82
N PRO B 92 12.27 30.78 33.03
CA PRO B 92 11.03 31.52 32.89
C PRO B 92 10.59 31.46 31.41
N PRO B 93 9.29 31.67 31.09
CA PRO B 93 8.86 31.63 29.67
C PRO B 93 9.61 32.63 28.81
N ASN B 94 9.98 32.17 27.61
CA ASN B 94 10.77 32.92 26.66
C ASN B 94 9.99 33.29 25.39
N LEU B 95 9.85 34.60 25.10
CA LEU B 95 9.16 35.05 23.90
C LEU B 95 10.09 35.04 22.69
N GLN B 96 9.70 34.34 21.62
CA GLN B 96 10.47 34.28 20.37
C GLN B 96 9.66 35.13 19.35
N PRO B 97 9.98 36.43 19.18
CA PRO B 97 9.21 37.26 18.24
C PRO B 97 9.20 36.68 16.83
N TYR B 98 8.08 36.87 16.13
CA TYR B 98 8.01 36.35 14.75
C TYR B 98 8.78 37.22 13.77
N GLY B 99 8.80 38.54 14.02
CA GLY B 99 9.52 39.51 13.19
C GLY B 99 10.08 40.70 13.95
N ARG B 100 10.52 41.75 13.23
CA ARG B 100 11.10 42.97 13.82
C ARG B 100 10.01 43.98 14.28
N ASP B 101 8.78 43.84 13.77
CA ASP B 101 7.61 44.69 14.07
C ASP B 101 6.31 43.87 14.02
N ASP B 102 5.16 44.53 14.32
CA ASP B 102 3.83 43.92 14.29
C ASP B 102 3.32 43.61 12.85
N SER B 103 4.26 43.49 11.89
CA SER B 103 4.01 43.14 10.49
C SER B 103 4.02 41.60 10.36
N GLU B 104 5.03 40.93 11.00
CA GLU B 104 5.16 39.46 11.05
C GLU B 104 4.42 38.99 12.30
N VAL B 105 3.16 38.60 12.10
CA VAL B 105 2.28 38.18 13.18
C VAL B 105 1.42 37.03 12.71
N ILE B 106 0.84 36.32 13.65
CA ILE B 106 -0.14 35.25 13.38
C ILE B 106 -1.39 35.76 14.10
N TRP B 107 -2.56 35.61 13.49
CA TRP B 107 -3.81 36.06 14.11
C TRP B 107 -4.56 34.91 14.73
N SER B 108 -5.12 35.10 15.94
CA SER B 108 -5.92 34.05 16.58
C SER B 108 -7.39 34.43 16.37
N ILE B 109 -8.11 33.66 15.53
CA ILE B 109 -9.49 33.93 15.17
C ILE B 109 -10.44 32.78 15.52
N ASN B 110 -11.55 33.11 16.18
CA ASN B 110 -12.53 32.09 16.55
C ASN B 110 -13.11 31.46 15.27
N ARG B 111 -13.16 30.11 15.24
CA ARG B 111 -13.64 29.39 14.05
C ARG B 111 -15.08 29.80 13.66
N ASP B 112 -15.99 29.84 14.66
CA ASP B 112 -17.39 30.18 14.39
C ASP B 112 -17.49 31.62 13.87
N ARG B 113 -16.73 32.58 14.47
CA ARG B 113 -16.75 33.99 14.02
C ARG B 113 -16.29 34.06 12.56
N LEU B 114 -15.20 33.33 12.23
CA LEU B 114 -14.71 33.31 10.85
C LEU B 114 -15.78 32.73 9.91
N ASN B 115 -16.39 31.61 10.30
CA ASN B 115 -17.41 30.96 9.47
C ASN B 115 -18.60 31.94 9.22
N ARG B 116 -19.04 32.66 10.26
CA ARG B 116 -20.16 33.58 10.09
CA ARG B 116 -20.14 33.62 10.14
C ARG B 116 -19.82 34.73 9.13
N ILE B 117 -18.59 35.27 9.22
CA ILE B 117 -18.17 36.33 8.30
C ILE B 117 -18.13 35.76 6.86
N LEU B 118 -17.68 34.51 6.72
CA LEU B 118 -17.62 33.90 5.39
C LEU B 118 -19.03 33.67 4.85
N LEU B 119 -19.98 33.20 5.69
CA LEU B 119 -21.36 32.99 5.24
C LEU B 119 -21.96 34.29 4.75
N ASP B 120 -21.79 35.37 5.53
CA ASP B 120 -22.33 36.66 5.12
C ASP B 120 -21.71 37.11 3.77
N GLY B 121 -20.39 36.90 3.61
CA GLY B 121 -19.66 37.24 2.39
C GLY B 121 -20.15 36.47 1.18
N ALA B 122 -20.43 35.15 1.34
CA ALA B 122 -20.92 34.35 0.21
C ALA B 122 -22.31 34.84 -0.22
N GLU B 123 -23.21 35.09 0.77
CA GLU B 123 -24.56 35.59 0.45
C GLU B 123 -24.51 36.99 -0.18
N ALA B 124 -23.58 37.85 0.31
CA ALA B 124 -23.46 39.20 -0.25
C ALA B 124 -23.04 39.16 -1.73
N ALA B 125 -22.29 38.14 -2.13
CA ALA B 125 -21.83 37.98 -3.51
C ALA B 125 -22.86 37.32 -4.41
N GLY B 126 -23.94 36.81 -3.82
CA GLY B 126 -25.03 36.20 -4.59
C GLY B 126 -25.21 34.70 -4.45
N ALA B 127 -24.38 34.04 -3.60
CA ALA B 127 -24.55 32.60 -3.42
C ALA B 127 -25.80 32.31 -2.59
N SER B 128 -26.46 31.18 -2.88
CA SER B 128 -27.62 30.75 -2.10
C SER B 128 -27.14 29.64 -1.19
N ILE B 129 -27.38 29.76 0.11
CA ILE B 129 -26.94 28.77 1.10
C ILE B 129 -28.16 28.08 1.72
N HIS B 130 -28.13 26.74 1.70
CA HIS B 130 -29.23 25.89 2.18
C HIS B 130 -28.72 25.07 3.33
N PHE B 131 -29.18 25.35 4.55
CA PHE B 131 -28.70 24.65 5.73
C PHE B 131 -29.60 23.45 6.04
N ASN B 132 -29.19 22.65 7.06
CA ASN B 132 -29.97 21.48 7.51
C ASN B 132 -30.19 20.46 6.39
N LEU B 133 -29.21 20.38 5.45
CA LEU B 133 -29.25 19.43 4.34
C LEU B 133 -27.90 18.78 4.16
N GLY B 134 -27.81 17.51 4.51
CA GLY B 134 -26.57 16.77 4.44
C GLY B 134 -26.53 15.92 3.18
N LEU B 135 -25.41 15.94 2.47
CA LEU B 135 -25.32 15.09 1.29
C LEU B 135 -25.22 13.63 1.75
N ASP B 136 -26.05 12.75 1.15
CA ASP B 136 -26.06 11.31 1.45
C ASP B 136 -25.40 10.48 0.36
N SER B 137 -25.66 10.82 -0.91
CA SER B 137 -25.16 10.03 -2.04
C SER B 137 -25.17 10.84 -3.32
N VAL B 138 -24.41 10.38 -4.29
CA VAL B 138 -24.31 11.01 -5.61
C VAL B 138 -24.49 9.95 -6.68
N ASP B 139 -25.27 10.26 -7.69
CA ASP B 139 -25.41 9.39 -8.85
C ASP B 139 -24.69 10.14 -9.97
N PHE B 140 -23.41 9.81 -10.20
CA PHE B 140 -22.61 10.51 -11.20
C PHE B 140 -23.11 10.33 -12.62
N ALA B 141 -23.56 9.12 -12.96
CA ALA B 141 -24.06 8.83 -14.31
C ALA B 141 -25.32 9.65 -14.64
N ARG B 142 -26.24 9.77 -13.68
CA ARG B 142 -27.46 10.54 -13.88
C ARG B 142 -27.30 12.01 -13.50
N GLN B 143 -26.14 12.43 -12.95
CA GLN B 143 -25.86 13.82 -12.53
C GLN B 143 -26.91 14.31 -11.50
N ARG B 144 -27.24 13.42 -10.55
CA ARG B 144 -28.19 13.75 -9.49
C ARG B 144 -27.54 13.47 -8.14
N LEU B 145 -27.98 14.15 -7.09
CA LEU B 145 -27.49 13.85 -5.75
C LEU B 145 -28.66 13.77 -4.79
N THR B 146 -28.44 13.14 -3.64
CA THR B 146 -29.49 12.98 -2.64
C THR B 146 -29.01 13.64 -1.36
N LEU B 147 -29.83 14.50 -0.82
CA LEU B 147 -29.59 15.18 0.47
C LEU B 147 -30.66 14.77 1.47
N SER B 148 -30.39 14.96 2.75
CA SER B 148 -31.41 14.71 3.75
C SER B 148 -31.27 15.65 4.92
N ASN B 149 -32.37 15.86 5.65
CA ASN B 149 -32.32 16.58 6.92
C ASN B 149 -32.03 15.48 7.98
N VAL B 150 -31.70 15.85 9.23
CA VAL B 150 -31.35 14.92 10.32
C VAL B 150 -32.40 13.79 10.50
N SER B 151 -33.69 14.10 10.23
CA SER B 151 -34.84 13.19 10.32
C SER B 151 -34.91 12.10 9.25
N GLY B 152 -34.01 12.14 8.27
CA GLY B 152 -33.95 11.15 7.20
C GLY B 152 -34.79 11.44 5.98
N GLU B 153 -35.52 12.57 5.97
CA GLU B 153 -36.35 13.04 4.85
C GLU B 153 -35.42 13.43 3.69
N ARG B 154 -35.56 12.75 2.54
CA ARG B 154 -34.70 12.95 1.38
C ARG B 154 -35.20 13.96 0.35
N LEU B 155 -34.23 14.52 -0.37
CA LEU B 155 -34.44 15.52 -1.42
C LEU B 155 -33.40 15.24 -2.49
N GLU B 156 -33.85 15.03 -3.76
CA GLU B 156 -32.91 14.82 -4.86
C GLU B 156 -32.71 16.13 -5.62
N LYS B 157 -31.50 16.37 -6.12
CA LYS B 157 -31.20 17.59 -6.88
C LYS B 157 -30.35 17.23 -8.06
N ARG B 158 -30.57 17.90 -9.18
CA ARG B 158 -29.69 17.74 -10.33
C ARG B 158 -28.45 18.62 -10.04
N PHE B 159 -27.28 18.23 -10.57
CA PHE B 159 -26.08 19.07 -10.45
C PHE B 159 -25.31 19.07 -11.77
N HIS B 160 -24.49 20.11 -11.99
CA HIS B 160 -23.65 20.28 -13.19
C HIS B 160 -22.17 20.15 -12.83
N LEU B 161 -21.77 20.79 -11.72
CA LEU B 161 -20.42 20.70 -11.18
C LEU B 161 -20.60 20.60 -9.67
N LEU B 162 -19.90 19.66 -9.05
CA LEU B 162 -20.02 19.41 -7.62
C LEU B 162 -18.70 19.66 -6.93
N ILE B 163 -18.68 20.53 -5.93
CA ILE B 163 -17.47 20.80 -5.15
C ILE B 163 -17.65 20.20 -3.76
N GLY B 164 -16.74 19.29 -3.38
CA GLY B 164 -16.76 18.66 -2.08
C GLY B 164 -15.89 19.48 -1.15
N ALA B 165 -16.51 20.37 -0.36
CA ALA B 165 -15.81 21.20 0.63
C ALA B 165 -16.36 20.75 2.03
N ASP B 166 -16.60 19.46 2.15
CA ASP B 166 -17.35 18.89 3.25
C ASP B 166 -16.51 18.20 4.33
N GLY B 167 -15.26 18.67 4.49
CA GLY B 167 -14.46 18.27 5.64
C GLY B 167 -13.82 16.92 5.62
N CYS B 168 -13.13 16.60 6.74
CA CYS B 168 -12.29 15.39 6.77
CA CYS B 168 -12.36 15.35 6.92
C CYS B 168 -13.06 14.09 6.55
N ASN B 169 -14.36 14.03 6.84
CA ASN B 169 -15.16 12.83 6.63
C ASN B 169 -16.13 13.04 5.47
N SER B 170 -15.64 13.73 4.44
CA SER B 170 -16.34 14.10 3.24
C SER B 170 -17.26 13.02 2.67
N ALA B 171 -18.55 13.35 2.50
CA ALA B 171 -19.51 12.52 1.80
C ALA B 171 -19.24 12.56 0.29
N VAL B 172 -18.78 13.73 -0.25
CA VAL B 172 -18.46 13.79 -1.69
C VAL B 172 -17.32 12.80 -1.98
N ARG B 173 -16.30 12.79 -1.13
CA ARG B 173 -15.16 11.88 -1.31
C ARG B 173 -15.64 10.42 -1.29
N GLN B 174 -16.50 10.08 -0.32
CA GLN B 174 -17.04 8.71 -0.25
C GLN B 174 -17.83 8.37 -1.56
N ALA B 175 -18.64 9.31 -2.07
CA ALA B 175 -19.41 9.09 -3.31
C ALA B 175 -18.47 8.90 -4.52
N MET B 176 -17.36 9.68 -4.57
CA MET B 176 -16.38 9.54 -5.66
C MET B 176 -15.80 8.13 -5.69
N ALA B 177 -15.71 7.41 -4.54
CA ALA B 177 -15.20 6.03 -4.48
C ALA B 177 -16.06 5.01 -5.24
N SER B 178 -17.28 5.39 -5.54
CA SER B 178 -18.17 4.51 -6.28
C SER B 178 -17.83 4.51 -7.78
N VAL B 179 -17.13 5.56 -8.27
CA VAL B 179 -16.86 5.67 -9.70
C VAL B 179 -15.38 5.73 -10.04
N VAL B 180 -14.53 6.07 -9.08
CA VAL B 180 -13.08 6.16 -9.34
C VAL B 180 -12.30 5.58 -8.15
N ASP B 181 -11.08 5.09 -8.42
CA ASP B 181 -10.20 4.61 -7.36
C ASP B 181 -9.47 5.89 -6.92
N LEU B 182 -9.72 6.33 -5.68
CA LEU B 182 -9.08 7.54 -5.19
C LEU B 182 -7.61 7.38 -4.83
N GLY B 183 -7.16 6.13 -4.72
CA GLY B 183 -5.77 5.84 -4.35
C GLY B 183 -5.47 6.38 -2.97
N GLU B 184 -6.42 6.17 -2.05
CA GLU B 184 -6.37 6.68 -0.67
C GLU B 184 -5.35 5.92 0.17
N HIS B 185 -4.62 6.66 1.03
CA HIS B 185 -3.62 6.08 1.94
C HIS B 185 -3.80 6.82 3.29
N LEU B 186 -4.20 6.12 4.33
CA LEU B 186 -4.39 6.72 5.66
C LEU B 186 -3.17 6.46 6.54
N GLU B 187 -2.67 7.50 7.19
CA GLU B 187 -1.53 7.39 8.11
C GLU B 187 -2.05 7.86 9.46
N THR B 188 -2.27 6.90 10.35
CA THR B 188 -2.77 7.19 11.69
C THR B 188 -1.70 7.92 12.48
N GLN B 189 -2.12 8.63 13.53
CA GLN B 189 -1.24 9.40 14.41
C GLN B 189 -1.42 8.87 15.82
N PRO B 190 -0.32 8.51 16.54
CA PRO B 190 -0.48 7.93 17.89
C PRO B 190 -0.98 8.91 18.96
N HIS B 191 -0.90 10.23 18.72
CA HIS B 191 -1.38 11.24 19.66
C HIS B 191 -2.85 11.52 19.52
N GLY B 192 -3.51 11.55 20.65
CA GLY B 192 -4.87 12.04 20.75
C GLY B 192 -4.75 13.47 21.26
N TYR B 193 -5.88 14.19 21.35
CA TYR B 193 -5.85 15.55 21.92
C TYR B 193 -7.02 15.80 22.81
N LYS B 194 -6.83 16.71 23.78
CA LYS B 194 -7.89 17.09 24.72
C LYS B 194 -7.83 18.60 24.86
N GLU B 195 -8.97 19.25 24.81
CA GLU B 195 -9.06 20.71 24.97
C GLU B 195 -9.40 21.05 26.39
N LEU B 196 -8.66 22.01 26.98
CA LEU B 196 -8.85 22.42 28.37
C LEU B 196 -8.95 23.94 28.34
N GLN B 197 -9.56 24.53 29.35
CA GLN B 197 -9.76 25.97 29.31
C GLN B 197 -9.04 26.72 30.40
N ILE B 198 -8.58 27.93 30.07
CA ILE B 198 -8.05 28.88 31.02
C ILE B 198 -9.05 30.03 30.96
N THR B 199 -9.66 30.40 32.10
CA THR B 199 -10.62 31.50 32.10
C THR B 199 -9.89 32.86 31.96
N PRO B 200 -10.61 33.95 31.60
CA PRO B 200 -9.96 35.29 31.57
C PRO B 200 -9.41 35.69 32.95
N GLU B 201 -10.11 35.32 34.06
CA GLU B 201 -9.65 35.66 35.41
C GLU B 201 -8.32 34.94 35.70
N ALA B 202 -8.24 33.62 35.35
CA ALA B 202 -7.03 32.83 35.59
C ALA B 202 -5.87 33.30 34.74
N SER B 203 -6.11 33.58 33.42
CA SER B 203 -4.98 34.01 32.60
C SER B 203 -4.43 35.35 33.10
N ALA B 204 -5.31 36.28 33.55
CA ALA B 204 -4.86 37.57 34.07
C ALA B 204 -4.10 37.42 35.42
N GLN B 205 -4.63 36.58 36.34
CA GLN B 205 -4.02 36.34 37.65
C GLN B 205 -2.58 35.79 37.50
N PHE B 206 -2.37 34.91 36.50
CA PHE B 206 -1.06 34.30 36.29
C PHE B 206 -0.21 35.01 35.23
N ASN B 207 -0.67 36.19 34.75
CA ASN B 207 0.07 37.02 33.80
C ASN B 207 0.40 36.27 32.50
N LEU B 208 -0.54 35.46 32.01
CA LEU B 208 -0.31 34.74 30.75
C LEU B 208 -0.45 35.72 29.59
N GLU B 209 0.62 35.87 28.80
CA GLU B 209 0.67 36.87 27.73
C GLU B 209 -0.44 36.68 26.67
N PRO B 210 -1.38 37.63 26.49
CA PRO B 210 -2.44 37.43 25.49
C PRO B 210 -1.99 37.55 24.05
N ASN B 211 -0.94 38.35 23.77
CA ASN B 211 -0.56 38.54 22.37
C ASN B 211 0.58 37.64 21.94
N ALA B 212 0.44 36.33 22.26
CA ALA B 212 1.45 35.32 21.90
C ALA B 212 0.80 33.97 21.81
N LEU B 213 1.43 33.09 21.01
CA LEU B 213 1.05 31.70 20.88
C LEU B 213 1.95 30.98 21.92
N HIS B 214 1.36 30.16 22.78
CA HIS B 214 2.13 29.50 23.85
C HIS B 214 2.34 28.01 23.64
N ILE B 215 3.55 27.51 23.94
CA ILE B 215 3.82 26.09 23.90
C ILE B 215 4.47 25.62 25.20
N TRP B 216 4.09 24.41 25.68
CA TRP B 216 4.68 23.72 26.83
C TRP B 216 5.24 22.40 26.26
N PRO B 217 6.48 22.43 25.72
CA PRO B 217 7.08 21.19 25.18
C PRO B 217 7.36 20.14 26.26
N HIS B 218 7.16 18.88 25.94
CA HIS B 218 7.46 17.79 26.88
C HIS B 218 7.84 16.47 26.15
N GLY B 219 8.51 16.59 25.00
CA GLY B 219 8.98 15.43 24.23
C GLY B 219 7.87 14.69 23.53
N ASP B 220 7.49 13.51 24.06
CA ASP B 220 6.41 12.71 23.47
C ASP B 220 5.03 13.30 23.66
N TYR B 221 4.90 14.31 24.53
CA TYR B 221 3.62 14.99 24.71
C TYR B 221 3.88 16.47 24.89
N MET B 222 2.84 17.30 24.77
CA MET B 222 3.01 18.75 24.88
C MET B 222 1.68 19.41 25.00
N CYS B 223 1.68 20.70 25.39
CA CYS B 223 0.47 21.50 25.38
C CYS B 223 0.73 22.72 24.50
N ILE B 224 -0.32 23.24 23.90
CA ILE B 224 -0.25 24.49 23.15
C ILE B 224 -1.42 25.34 23.59
N ALA B 225 -1.32 26.68 23.55
CA ALA B 225 -2.50 27.49 23.86
C ALA B 225 -2.56 28.69 22.95
N LEU B 226 -3.77 29.02 22.51
CA LEU B 226 -3.98 30.22 21.71
C LEU B 226 -4.94 31.11 22.49
N PRO B 227 -4.70 32.42 22.43
CA PRO B 227 -5.58 33.34 23.16
C PRO B 227 -6.90 33.60 22.44
N ASN B 228 -7.92 33.91 23.22
CA ASN B 228 -9.23 34.31 22.72
C ASN B 228 -9.41 35.79 22.95
N LEU B 229 -10.36 36.40 22.20
CA LEU B 229 -10.63 37.83 22.29
C LEU B 229 -10.93 38.30 23.73
N ASP B 230 -11.54 37.43 24.55
CA ASP B 230 -11.91 37.79 25.92
C ASP B 230 -10.83 37.38 26.95
N ARG B 231 -9.60 37.12 26.49
CA ARG B 231 -8.48 36.75 27.35
C ARG B 231 -8.58 35.32 27.93
N SER B 232 -9.59 34.54 27.55
CA SER B 232 -9.57 33.12 27.90
C SER B 232 -8.57 32.48 26.93
N PHE B 233 -8.11 31.26 27.23
CA PHE B 233 -7.26 30.52 26.28
C PHE B 233 -7.80 29.12 26.18
N THR B 234 -7.72 28.49 25.01
CA THR B 234 -8.02 27.05 24.90
C THR B 234 -6.65 26.39 24.85
N VAL B 235 -6.39 25.50 25.80
CA VAL B 235 -5.14 24.76 25.90
C VAL B 235 -5.39 23.36 25.29
N THR B 236 -4.54 22.92 24.36
CA THR B 236 -4.72 21.59 23.80
C THR B 236 -3.56 20.74 24.27
N LEU B 237 -3.87 19.59 24.85
CA LEU B 237 -2.88 18.61 25.27
C LEU B 237 -2.79 17.56 24.15
N PHE B 238 -1.58 17.30 23.65
CA PHE B 238 -1.34 16.23 22.66
C PHE B 238 -0.62 15.13 23.43
N LEU B 239 -1.20 13.94 23.47
CA LEU B 239 -0.65 12.84 24.28
C LEU B 239 -1.03 11.50 23.64
N HIS B 240 -0.13 10.51 23.68
CA HIS B 240 -0.42 9.19 23.09
C HIS B 240 -1.74 8.64 23.64
N HIS B 241 -2.56 8.03 22.78
CA HIS B 241 -3.80 7.39 23.24
C HIS B 241 -3.43 6.25 24.20
N GLN B 242 -2.40 5.47 23.84
CA GLN B 242 -1.93 4.29 24.57
C GLN B 242 -0.42 4.28 24.73
N SER B 243 0.08 3.64 25.81
CA SER B 243 1.52 3.51 26.05
C SER B 243 2.01 2.33 25.19
N PRO B 244 3.17 2.44 24.51
CA PRO B 244 3.64 1.30 23.71
C PRO B 244 4.10 0.18 24.63
N ALA B 245 3.96 -1.09 24.20
CA ALA B 245 4.40 -2.26 24.99
C ALA B 245 5.87 -2.15 25.41
N ALA B 246 6.71 -1.51 24.56
CA ALA B 246 8.13 -1.25 24.79
C ALA B 246 8.35 -0.24 25.95
N GLN B 247 7.41 0.72 26.12
CA GLN B 247 7.45 1.75 27.16
C GLN B 247 6.12 1.72 27.96
N PRO B 248 5.91 0.71 28.84
CA PRO B 248 4.62 0.62 29.55
C PRO B 248 4.35 1.73 30.56
N ALA B 249 5.40 2.33 31.13
CA ALA B 249 5.28 3.39 32.13
C ALA B 249 5.06 4.78 31.51
N SER B 250 5.28 4.92 30.18
CA SER B 250 5.13 6.20 29.49
C SER B 250 3.71 6.78 29.55
N PRO B 251 3.58 8.10 29.81
CA PRO B 251 2.23 8.70 29.91
C PRO B 251 1.38 8.47 28.66
N SER B 252 0.07 8.28 28.85
CA SER B 252 -0.89 8.10 27.76
C SER B 252 -2.28 8.38 28.28
N PHE B 253 -3.24 8.63 27.37
CA PHE B 253 -4.64 8.85 27.75
C PHE B 253 -5.24 7.63 28.47
N ALA B 254 -4.76 6.42 28.13
CA ALA B 254 -5.23 5.17 28.76
C ALA B 254 -5.00 5.20 30.28
N GLN B 255 -3.86 5.76 30.72
CA GLN B 255 -3.50 5.87 32.14
C GLN B 255 -4.30 6.92 32.90
N LEU B 256 -4.87 7.90 32.19
CA LEU B 256 -5.62 8.95 32.84
C LEU B 256 -7.08 8.58 32.85
N VAL B 257 -7.45 7.75 33.82
CA VAL B 257 -8.78 7.17 33.98
C VAL B 257 -9.85 8.26 34.27
N ASP B 258 -9.48 9.27 35.06
CA ASP B 258 -10.42 10.33 35.41
C ASP B 258 -9.71 11.68 35.57
N GLY B 259 -10.52 12.72 35.82
CA GLY B 259 -10.04 14.08 36.02
C GLY B 259 -9.02 14.21 37.12
N HIS B 260 -9.14 13.37 38.20
CA HIS B 260 -8.20 13.42 39.31
C HIS B 260 -6.80 12.95 38.88
N ALA B 261 -6.74 11.85 38.09
CA ALA B 261 -5.47 11.36 37.56
C ALA B 261 -4.85 12.43 36.61
N ALA B 262 -5.70 13.09 35.77
CA ALA B 262 -5.25 14.16 34.86
C ALA B 262 -4.65 15.33 35.66
N ARG B 263 -5.30 15.71 36.79
CA ARG B 263 -4.78 16.77 37.64
C ARG B 263 -3.38 16.43 38.19
N ARG B 264 -3.19 15.19 38.69
CA ARG B 264 -1.91 14.76 39.26
C ARG B 264 -0.82 14.79 38.20
N PHE B 265 -1.16 14.35 36.99
CA PHE B 265 -0.26 14.35 35.83
C PHE B 265 0.17 15.80 35.50
N PHE B 266 -0.80 16.74 35.44
CA PHE B 266 -0.47 18.14 35.15
C PHE B 266 0.37 18.76 36.26
N GLN B 267 0.05 18.44 37.52
CA GLN B 267 0.81 18.97 38.65
C GLN B 267 2.27 18.50 38.62
N ARG B 268 2.49 17.23 38.23
CA ARG B 268 3.84 16.67 38.13
C ARG B 268 4.60 17.15 36.90
N GLN B 269 3.95 17.15 35.72
CA GLN B 269 4.62 17.39 34.44
C GLN B 269 4.47 18.78 33.83
N PHE B 270 3.37 19.50 34.13
CA PHE B 270 3.17 20.88 33.68
C PHE B 270 2.85 21.73 34.92
N PRO B 271 3.79 21.84 35.90
CA PRO B 271 3.48 22.55 37.15
C PRO B 271 3.13 24.02 37.03
N ASP B 272 3.62 24.73 36.00
CA ASP B 272 3.32 26.15 35.81
C ASP B 272 1.97 26.35 35.14
N LEU B 273 1.45 25.29 34.50
CA LEU B 273 0.19 25.34 33.76
C LEU B 273 -0.99 24.89 34.62
N SER B 274 -0.83 23.80 35.36
CA SER B 274 -1.89 23.25 36.22
C SER B 274 -2.67 24.31 37.03
N PRO B 275 -2.00 25.30 37.71
CA PRO B 275 -2.75 26.29 38.50
C PRO B 275 -3.73 27.14 37.70
N MET B 276 -3.49 27.31 36.38
CA MET B 276 -4.35 28.11 35.50
C MET B 276 -5.55 27.34 34.98
N LEU B 277 -5.52 26.01 35.13
CA LEU B 277 -6.58 25.16 34.60
C LEU B 277 -7.60 24.83 35.69
N ASP B 278 -8.50 25.77 35.98
CA ASP B 278 -9.47 25.61 37.07
C ASP B 278 -10.45 24.48 36.86
N SER B 279 -10.84 24.22 35.60
CA SER B 279 -11.81 23.18 35.30
C SER B 279 -11.17 21.94 34.67
N LEU B 280 -9.87 21.70 34.95
CA LEU B 280 -9.14 20.58 34.38
C LEU B 280 -9.88 19.24 34.51
N GLU B 281 -10.32 18.90 35.74
CA GLU B 281 -11.02 17.63 35.99
C GLU B 281 -12.26 17.47 35.13
N GLN B 282 -13.15 18.49 35.13
CA GLN B 282 -14.40 18.50 34.36
C GLN B 282 -14.13 18.48 32.85
N ASP B 283 -13.20 19.34 32.37
CA ASP B 283 -12.85 19.39 30.96
C ASP B 283 -12.35 18.03 30.49
N PHE B 284 -11.50 17.39 31.29
CA PHE B 284 -10.93 16.10 30.93
C PHE B 284 -11.99 15.02 30.76
N GLU B 285 -12.98 14.99 31.68
CA GLU B 285 -14.05 13.99 31.64
C GLU B 285 -15.15 14.30 30.64
N HIS B 286 -15.47 15.58 30.43
CA HIS B 286 -16.58 15.95 29.54
C HIS B 286 -16.18 16.24 28.09
N HIS B 287 -14.92 16.62 27.83
CA HIS B 287 -14.47 16.86 26.45
C HIS B 287 -13.93 15.56 25.88
N PRO B 288 -14.43 15.10 24.70
CA PRO B 288 -13.92 13.84 24.15
C PRO B 288 -12.46 13.95 23.67
N THR B 289 -11.73 12.82 23.70
CA THR B 289 -10.33 12.81 23.23
C THR B 289 -10.41 12.72 21.70
N GLY B 290 -9.81 13.69 21.03
CA GLY B 290 -9.84 13.74 19.58
C GLY B 290 -8.81 12.85 18.94
N LYS B 291 -9.10 12.44 17.71
CA LYS B 291 -8.23 11.58 16.90
C LYS B 291 -7.58 12.41 15.82
N LEU B 292 -6.33 12.06 15.47
CA LEU B 292 -5.56 12.76 14.46
C LEU B 292 -5.12 11.80 13.37
N ALA B 293 -4.98 12.31 12.14
CA ALA B 293 -4.55 11.45 11.02
C ALA B 293 -4.25 12.29 9.79
N THR B 294 -3.49 11.66 8.87
CA THR B 294 -3.15 12.23 7.59
C THR B 294 -3.78 11.33 6.55
N LEU B 295 -4.54 11.90 5.63
CA LEU B 295 -5.15 11.08 4.56
C LEU B 295 -4.73 11.70 3.24
N ARG B 296 -4.08 10.87 2.39
CA ARG B 296 -3.54 11.25 1.10
C ARG B 296 -4.30 10.53 0.01
N LEU B 297 -4.73 11.29 -1.02
CA LEU B 297 -5.46 10.74 -2.17
C LEU B 297 -4.64 10.96 -3.40
N THR B 298 -4.65 10.00 -4.33
CA THR B 298 -3.94 10.23 -5.58
C THR B 298 -4.85 11.01 -6.53
N THR B 299 -6.17 10.87 -6.36
CA THR B 299 -7.17 11.49 -7.23
C THR B 299 -8.08 12.40 -6.42
N TRP B 300 -8.24 13.66 -6.87
CA TRP B 300 -9.15 14.62 -6.22
C TRP B 300 -10.39 14.97 -7.04
N HIS B 301 -10.50 14.47 -8.29
CA HIS B 301 -11.64 14.81 -9.13
C HIS B 301 -12.16 13.67 -9.97
N VAL B 302 -13.40 13.81 -10.41
CA VAL B 302 -14.06 12.88 -11.35
C VAL B 302 -14.36 13.70 -12.60
N GLY B 303 -13.54 13.54 -13.64
CA GLY B 303 -13.68 14.26 -14.91
C GLY B 303 -13.92 15.74 -14.65
N GLY B 304 -14.96 16.28 -15.27
CA GLY B 304 -15.36 17.66 -15.03
C GLY B 304 -16.55 17.76 -14.09
N GLN B 305 -16.93 16.63 -13.46
CA GLN B 305 -18.14 16.59 -12.66
C GLN B 305 -17.94 16.96 -11.21
N ALA B 306 -16.84 16.53 -10.57
CA ALA B 306 -16.72 16.79 -9.13
C ALA B 306 -15.27 16.95 -8.75
N VAL B 307 -15.04 17.73 -7.69
CA VAL B 307 -13.68 17.94 -7.19
C VAL B 307 -13.74 18.10 -5.69
N LEU B 308 -12.62 17.75 -5.01
CA LEU B 308 -12.52 17.95 -3.55
C LEU B 308 -11.56 19.08 -3.24
N LEU B 309 -11.76 19.73 -2.09
CA LEU B 309 -10.74 20.72 -1.66
C LEU B 309 -10.75 20.80 -0.14
N GLY B 310 -9.72 21.41 0.42
CA GLY B 310 -9.66 21.57 1.87
C GLY B 310 -9.50 20.23 2.57
N ASP B 311 -10.10 20.07 3.77
CA ASP B 311 -10.00 18.80 4.49
C ASP B 311 -10.62 17.61 3.76
N ALA B 312 -11.58 17.87 2.84
CA ALA B 312 -12.17 16.76 2.07
C ALA B 312 -11.09 16.08 1.21
N ALA B 313 -10.14 16.88 0.74
CA ALA B 313 -9.08 16.40 -0.15
C ALA B 313 -7.82 15.95 0.60
N HIS B 314 -7.49 16.62 1.71
CA HIS B 314 -6.21 16.35 2.35
C HIS B 314 -6.18 16.55 3.88
N PRO B 315 -6.91 15.69 4.62
CA PRO B 315 -6.83 15.73 6.10
C PRO B 315 -5.38 15.70 6.57
N MET B 316 -5.01 16.57 7.50
CA MET B 316 -3.63 16.63 7.94
C MET B 316 -3.61 16.75 9.46
N VAL B 317 -2.47 16.44 10.08
CA VAL B 317 -2.32 16.65 11.52
C VAL B 317 -2.27 18.15 11.79
N PRO B 318 -2.75 18.63 12.96
CA PRO B 318 -2.85 20.10 13.16
C PRO B 318 -1.58 20.79 13.64
N PHE B 319 -0.43 20.05 13.63
CA PHE B 319 0.78 20.53 14.27
C PHE B 319 1.44 21.76 13.66
N HIS B 320 1.01 22.19 12.45
CA HIS B 320 1.55 23.43 11.87
C HIS B 320 0.51 24.56 11.89
N GLY B 321 -0.74 24.28 12.28
CA GLY B 321 -1.78 25.31 12.25
C GLY B 321 -1.95 25.89 10.86
N GLN B 322 -2.01 24.98 9.88
CA GLN B 322 -2.10 25.35 8.46
C GLN B 322 -3.27 24.71 7.72
N GLY B 323 -4.09 23.89 8.38
CA GLY B 323 -5.21 23.25 7.67
C GLY B 323 -6.21 24.25 7.08
N MET B 324 -6.64 25.20 7.89
CA MET B 324 -7.56 26.25 7.41
CA MET B 324 -7.56 26.24 7.42
C MET B 324 -6.80 27.14 6.39
N ASN B 325 -5.52 27.50 6.69
CA ASN B 325 -4.75 28.36 5.78
C ASN B 325 -4.65 27.69 4.41
N CYS B 326 -4.35 26.38 4.40
CA CYS B 326 -4.24 25.59 3.17
C CYS B 326 -5.63 25.53 2.47
N ALA B 327 -6.72 25.31 3.24
CA ALA B 327 -8.06 25.18 2.66
C ALA B 327 -8.48 26.49 1.96
N LEU B 328 -8.15 27.65 2.57
CA LEU B 328 -8.49 28.95 1.95
C LEU B 328 -7.64 29.18 0.68
N GLU B 329 -6.35 28.79 0.73
CA GLU B 329 -5.47 28.87 -0.45
C GLU B 329 -6.06 27.98 -1.57
N ASP B 330 -6.56 26.77 -1.20
CA ASP B 330 -7.18 25.86 -2.18
C ASP B 330 -8.40 26.54 -2.84
N ALA B 331 -9.24 27.20 -2.02
CA ALA B 331 -10.43 27.87 -2.52
C ALA B 331 -10.08 28.91 -3.59
N VAL B 332 -9.04 29.73 -3.31
CA VAL B 332 -8.60 30.73 -4.29
C VAL B 332 -8.15 30.05 -5.57
N ALA B 333 -7.32 28.99 -5.42
CA ALA B 333 -6.82 28.29 -6.62
C ALA B 333 -7.94 27.66 -7.43
N LEU B 334 -8.91 27.02 -6.76
CA LEU B 334 -10.01 26.39 -7.50
C LEU B 334 -10.86 27.40 -8.25
N ALA B 335 -11.18 28.52 -7.58
CA ALA B 335 -11.97 29.56 -8.25
C ALA B 335 -11.23 30.14 -9.47
N GLU B 336 -9.90 30.33 -9.36
CA GLU B 336 -9.07 30.86 -10.44
C GLU B 336 -9.07 29.88 -11.63
N HIS B 337 -8.86 28.58 -11.35
CA HIS B 337 -8.91 27.57 -12.42
C HIS B 337 -10.28 27.49 -13.10
N LEU B 338 -11.37 27.43 -12.30
CA LEU B 338 -12.71 27.34 -12.86
C LEU B 338 -13.07 28.57 -13.70
N GLN B 339 -12.66 29.74 -13.23
CA GLN B 339 -13.02 30.96 -13.95
C GLN B 339 -12.41 31.04 -15.35
N SER B 340 -11.15 30.62 -15.49
CA SER B 340 -10.37 30.81 -16.73
CA SER B 340 -10.43 30.83 -16.74
C SER B 340 -10.13 29.59 -17.59
N ALA B 341 -10.60 28.40 -17.18
CA ALA B 341 -10.31 27.21 -18.00
C ALA B 341 -11.17 27.11 -19.25
N ALA B 342 -10.75 26.25 -20.22
CA ALA B 342 -11.49 26.00 -21.46
C ALA B 342 -12.84 25.31 -21.14
N ASP B 343 -12.85 24.47 -20.09
CA ASP B 343 -14.01 23.72 -19.63
C ASP B 343 -13.76 23.21 -18.19
N ASN B 344 -14.80 22.71 -17.52
CA ASN B 344 -14.63 22.22 -16.14
C ASN B 344 -13.67 21.08 -16.02
N ALA B 345 -13.68 20.12 -16.98
CA ALA B 345 -12.73 19.00 -16.89
C ALA B 345 -11.28 19.47 -16.90
N SER B 346 -10.94 20.45 -17.78
CA SER B 346 -9.58 21.02 -17.84
C SER B 346 -9.25 21.76 -16.53
N ALA B 347 -10.22 22.51 -15.99
CA ALA B 347 -10.03 23.26 -14.75
C ALA B 347 -9.71 22.30 -13.58
N LEU B 348 -10.49 21.20 -13.45
CA LEU B 348 -10.29 20.31 -12.30
C LEU B 348 -8.96 19.58 -12.39
N ALA B 349 -8.58 19.14 -13.60
CA ALA B 349 -7.30 18.46 -13.76
C ALA B 349 -6.15 19.43 -13.43
N ALA B 350 -6.23 20.70 -13.90
CA ALA B 350 -5.16 21.69 -13.67
C ALA B 350 -5.09 22.08 -12.17
N PHE B 351 -6.26 22.24 -11.53
CA PHE B 351 -6.32 22.54 -10.09
C PHE B 351 -5.62 21.44 -9.29
N THR B 352 -5.99 20.16 -9.57
CA THR B 352 -5.45 19.00 -8.88
C THR B 352 -3.93 18.91 -9.08
N ALA B 353 -3.47 19.05 -10.34
CA ALA B 353 -2.03 18.96 -10.64
C ALA B 353 -1.24 20.05 -9.91
N GLN B 354 -1.80 21.26 -9.79
CA GLN B 354 -1.15 22.37 -9.11
C GLN B 354 -1.10 22.16 -7.60
N ARG B 355 -2.23 21.78 -7.02
CA ARG B 355 -2.34 21.73 -5.55
C ARG B 355 -1.87 20.45 -4.88
N GLN B 356 -2.00 19.29 -5.55
CA GLN B 356 -1.59 18.05 -4.90
C GLN B 356 -0.15 18.06 -4.32
N PRO B 357 0.91 18.51 -5.06
CA PRO B 357 2.25 18.52 -4.47
C PRO B 357 2.33 19.43 -3.27
N ASP B 358 1.56 20.53 -3.27
CA ASP B 358 1.58 21.45 -2.14
C ASP B 358 0.85 20.89 -0.94
N ALA B 359 -0.29 20.19 -1.14
CA ALA B 359 -0.99 19.57 -0.01
C ALA B 359 -0.08 18.47 0.60
N LEU B 360 0.60 17.65 -0.24
CA LEU B 360 1.52 16.62 0.27
C LEU B 360 2.61 17.27 1.11
N ALA B 361 3.13 18.42 0.64
CA ALA B 361 4.22 19.12 1.35
C ALA B 361 3.78 19.63 2.72
N ILE B 362 2.61 20.31 2.83
CA ILE B 362 2.17 20.76 4.15
C ILE B 362 1.79 19.55 5.05
N GLN B 363 1.25 18.47 4.48
CA GLN B 363 0.97 17.29 5.31
C GLN B 363 2.28 16.78 5.94
N ALA B 364 3.37 16.72 5.15
CA ALA B 364 4.66 16.24 5.63
C ALA B 364 5.29 17.19 6.65
N MET B 365 5.24 18.51 6.37
CA MET B 365 5.79 19.54 7.25
C MET B 365 5.02 19.62 8.54
N ALA B 366 3.66 19.40 8.50
CA ALA B 366 2.89 19.39 9.73
C ALA B 366 3.32 18.23 10.64
N LEU B 367 3.50 17.04 10.08
CA LEU B 367 3.97 15.88 10.86
C LEU B 367 5.35 16.18 11.47
N GLU B 368 6.27 16.78 10.70
CA GLU B 368 7.61 17.13 11.19
C GLU B 368 7.56 18.21 12.28
N ASN B 369 6.58 19.12 12.23
CA ASN B 369 6.51 20.21 13.20
C ASN B 369 6.24 19.75 14.62
N TYR B 370 5.69 18.55 14.81
CA TYR B 370 5.48 18.07 16.17
C TYR B 370 6.79 18.01 16.97
N VAL B 371 7.84 17.36 16.42
CA VAL B 371 9.15 17.20 17.08
C VAL B 371 9.77 18.57 17.27
N GLU B 372 9.55 19.45 16.27
CA GLU B 372 10.10 20.80 16.31
C GLU B 372 9.59 21.52 17.56
N MET B 373 8.27 21.47 17.81
CA MET B 373 7.65 22.15 18.94
C MET B 373 7.92 21.48 20.27
N SER B 374 7.90 20.15 20.29
CA SER B 374 7.89 19.40 21.53
C SER B 374 9.25 18.92 22.00
N SER B 375 10.20 18.77 21.08
CA SER B 375 11.51 18.22 21.42
C SER B 375 12.66 19.13 21.05
N LYS B 376 12.71 19.56 19.78
CA LYS B 376 13.84 20.34 19.26
C LYS B 376 14.05 21.67 19.95
N VAL B 377 12.97 22.42 20.27
CA VAL B 377 13.06 23.75 20.93
C VAL B 377 13.90 23.78 22.21
N ALA B 378 14.00 22.65 22.94
CA ALA B 378 14.71 22.57 24.21
C ALA B 378 16.06 21.83 24.10
N SER B 379 16.66 21.80 22.89
CA SER B 379 17.93 21.10 22.62
C SER B 379 19.10 22.08 22.33
N PRO B 380 20.32 21.83 22.90
CA PRO B 380 21.46 22.75 22.62
C PRO B 380 21.87 22.88 21.14
N THR B 381 21.61 21.83 20.33
CA THR B 381 21.90 21.78 18.90
C THR B 381 20.92 22.70 18.14
N TYR B 382 19.62 22.71 18.54
CA TYR B 382 18.54 23.54 17.97
C TYR B 382 18.90 25.02 18.03
N LEU B 383 19.29 25.52 19.23
CA LEU B 383 19.63 26.91 19.52
C LEU B 383 20.82 27.43 18.71
N LEU B 384 21.80 26.55 18.47
CA LEU B 384 22.97 26.89 17.67
C LEU B 384 22.59 26.98 16.18
N GLU B 385 21.80 26.00 15.68
CA GLU B 385 21.30 25.96 14.30
C GLU B 385 20.41 27.19 14.04
N ARG B 386 19.55 27.55 15.03
CA ARG B 386 18.66 28.72 14.94
C ARG B 386 19.46 30.01 14.83
N GLU B 387 20.50 30.19 15.69
CA GLU B 387 21.36 31.37 15.69
C GLU B 387 22.11 31.49 14.36
N LEU B 388 22.63 30.35 13.86
CA LEU B 388 23.35 30.31 12.58
C LEU B 388 22.39 30.65 11.43
N GLY B 389 21.18 30.12 11.50
CA GLY B 389 20.12 30.37 10.53
C GLY B 389 19.74 31.84 10.45
N GLN B 390 19.76 32.52 11.61
CA GLN B 390 19.50 33.97 11.74
C GLN B 390 20.57 34.81 11.06
N ILE B 391 21.86 34.42 11.22
CA ILE B 391 22.97 35.12 10.58
C ILE B 391 22.86 34.92 9.07
N MET B 392 22.53 33.68 8.63
CA MET B 392 22.42 33.37 7.21
C MET B 392 21.32 34.20 6.56
N ALA B 393 20.21 34.37 7.27
CA ALA B 393 19.05 35.16 6.82
C ALA B 393 19.42 36.65 6.69
N GLN B 394 20.28 37.14 7.60
CA GLN B 394 20.75 38.54 7.60
C GLN B 394 21.71 38.79 6.43
N ARG B 395 22.60 37.82 6.15
CA ARG B 395 23.56 37.96 5.07
C ARG B 395 23.00 37.72 3.67
N GLN B 396 22.03 36.80 3.54
CA GLN B 396 21.45 36.42 2.24
C GLN B 396 19.91 36.40 2.38
N PRO B 397 19.26 37.58 2.59
CA PRO B 397 17.79 37.60 2.86
C PRO B 397 16.85 37.07 1.78
N THR B 398 17.30 37.02 0.53
CA THR B 398 16.48 36.49 -0.57
C THR B 398 16.81 35.00 -0.82
N ARG B 399 17.77 34.43 -0.07
CA ARG B 399 18.17 33.03 -0.26
C ARG B 399 17.85 32.17 0.96
N PHE B 400 18.27 32.60 2.16
CA PHE B 400 18.03 31.80 3.35
C PHE B 400 16.85 32.43 4.06
N ILE B 401 15.69 31.74 4.00
CA ILE B 401 14.46 32.17 4.67
C ILE B 401 14.02 30.97 5.51
N PRO B 402 14.02 31.06 6.86
CA PRO B 402 13.68 29.88 7.68
C PRO B 402 12.38 29.22 7.24
N ARG B 403 12.33 27.87 7.22
CA ARG B 403 11.14 27.15 6.77
C ARG B 403 9.87 27.61 7.48
N TYR B 404 9.94 27.85 8.81
CA TYR B 404 8.76 28.31 9.53
C TYR B 404 8.20 29.61 8.90
N SER B 405 9.09 30.53 8.51
CA SER B 405 8.69 31.79 7.87
C SER B 405 8.16 31.56 6.47
N MET B 406 8.80 30.66 5.67
CA MET B 406 8.29 30.39 4.32
C MET B 406 6.86 29.84 4.42
N VAL B 407 6.61 28.92 5.38
CA VAL B 407 5.26 28.35 5.52
C VAL B 407 4.25 29.37 6.06
N THR B 408 4.64 30.04 7.15
CA THR B 408 3.70 30.87 7.90
C THR B 408 3.53 32.31 7.39
N PHE B 409 4.62 32.93 6.94
CA PHE B 409 4.60 34.35 6.58
C PHE B 409 4.77 34.63 5.09
N SER B 410 4.77 33.60 4.26
CA SER B 410 4.87 33.82 2.81
C SER B 410 3.86 32.98 2.06
N ARG B 411 3.73 33.24 0.74
CA ARG B 411 2.83 32.50 -0.16
C ARG B 411 3.61 31.61 -1.12
N LEU B 412 4.91 31.36 -0.81
CA LEU B 412 5.70 30.46 -1.63
C LEU B 412 4.97 29.09 -1.67
N PRO B 413 4.80 28.43 -2.84
CA PRO B 413 4.11 27.12 -2.84
C PRO B 413 4.70 26.22 -1.76
N TYR B 414 3.84 25.56 -0.95
CA TYR B 414 4.33 24.69 0.11
C TYR B 414 5.43 23.74 -0.36
N ALA B 415 5.28 23.13 -1.58
CA ALA B 415 6.32 22.20 -2.08
C ALA B 415 7.69 22.85 -2.20
N GLN B 416 7.73 24.13 -2.62
CA GLN B 416 8.97 24.90 -2.75
C GLN B 416 9.53 25.24 -1.35
N ALA B 417 8.65 25.62 -0.42
CA ALA B 417 9.06 25.89 0.96
C ALA B 417 9.71 24.64 1.55
N MET B 418 9.11 23.45 1.30
CA MET B 418 9.70 22.22 1.80
C MET B 418 11.04 21.89 1.15
N ALA B 419 11.14 22.04 -0.20
CA ALA B 419 12.39 21.75 -0.92
C ALA B 419 13.55 22.66 -0.45
N ARG B 420 13.27 23.96 -0.34
CA ARG B 420 14.29 24.91 0.13
C ARG B 420 14.59 24.65 1.60
N GLY B 421 13.57 24.31 2.38
CA GLY B 421 13.73 24.00 3.80
C GLY B 421 14.65 22.81 4.01
N GLN B 422 14.56 21.77 3.13
CA GLN B 422 15.42 20.58 3.20
C GLN B 422 16.89 20.95 2.93
N ILE B 423 17.12 21.82 1.94
CA ILE B 423 18.48 22.31 1.63
C ILE B 423 19.06 23.08 2.84
N GLN B 424 18.25 23.97 3.44
CA GLN B 424 18.66 24.76 4.61
C GLN B 424 18.96 23.88 5.81
N GLU B 425 18.09 22.89 6.08
CA GLU B 425 18.26 21.98 7.23
C GLU B 425 19.58 21.22 7.10
N GLN B 426 19.89 20.73 5.89
CA GLN B 426 21.16 19.99 5.65
C GLN B 426 22.37 20.88 5.84
N LEU B 427 22.28 22.11 5.30
CA LEU B 427 23.30 23.14 5.35
C LEU B 427 23.65 23.48 6.82
N LEU B 428 22.61 23.69 7.66
CA LEU B 428 22.82 24.03 9.08
C LEU B 428 23.37 22.85 9.86
N LYS B 429 22.79 21.66 9.64
CA LYS B 429 23.20 20.43 10.33
C LYS B 429 24.68 20.15 10.10
N PHE B 430 25.15 20.13 8.82
CA PHE B 430 26.56 19.91 8.53
C PHE B 430 27.47 21.02 9.07
N ALA B 431 26.98 22.28 9.06
CA ALA B 431 27.76 23.42 9.57
C ALA B 431 27.99 23.34 11.08
N VAL B 432 26.96 22.94 11.84
CA VAL B 432 27.07 22.88 13.30
C VAL B 432 27.63 21.56 13.82
N ALA B 433 27.57 20.49 13.02
CA ALA B 433 28.12 19.22 13.50
C ALA B 433 29.56 19.34 14.05
N ASN B 434 29.82 18.69 15.21
CA ASN B 434 31.16 18.67 15.82
C ASN B 434 31.65 20.03 16.34
N HIS B 435 30.71 21.00 16.48
CA HIS B 435 30.99 22.33 17.02
C HIS B 435 30.10 22.59 18.24
N SER B 436 30.71 23.08 19.34
CA SER B 436 30.06 23.38 20.62
C SER B 436 29.32 24.72 20.54
N ASP B 437 29.92 25.72 19.85
CA ASP B 437 29.33 27.06 19.72
C ASP B 437 29.69 27.75 18.38
N LEU B 438 29.07 28.92 18.10
CA LEU B 438 29.24 29.70 16.87
C LEU B 438 30.66 30.20 16.59
N THR B 439 31.45 30.44 17.66
CA THR B 439 32.81 30.97 17.55
C THR B 439 33.76 30.06 16.77
N SER B 440 33.50 28.73 16.74
CA SER B 440 34.33 27.78 15.98
C SER B 440 33.78 27.51 14.56
N ILE B 441 32.62 28.11 14.22
CA ILE B 441 31.99 27.94 12.90
C ILE B 441 32.47 29.01 11.92
N ASN B 442 32.96 28.58 10.73
CA ASN B 442 33.40 29.47 9.65
C ASN B 442 32.12 29.93 8.96
N LEU B 443 31.65 31.11 9.33
CA LEU B 443 30.40 31.66 8.82
C LEU B 443 30.41 31.92 7.32
N ASP B 444 31.56 32.33 6.76
CA ASP B 444 31.69 32.59 5.33
C ASP B 444 31.56 31.31 4.50
N ALA B 445 32.11 30.20 5.01
CA ALA B 445 31.98 28.90 4.33
C ALA B 445 30.49 28.49 4.28
N VAL B 446 29.74 28.74 5.39
CA VAL B 446 28.30 28.44 5.46
C VAL B 446 27.56 29.32 4.43
N GLU B 447 27.90 30.62 4.36
CA GLU B 447 27.30 31.58 3.41
C GLU B 447 27.58 31.17 1.94
N HIS B 448 28.78 30.63 1.68
CA HIS B 448 29.14 30.17 0.34
C HIS B 448 28.26 28.99 -0.04
N GLU B 449 27.93 28.11 0.94
CA GLU B 449 27.02 26.99 0.70
C GLU B 449 25.63 27.57 0.38
N VAL B 450 25.21 28.63 1.09
CA VAL B 450 23.91 29.30 0.86
C VAL B 450 23.82 29.83 -0.59
N THR B 451 24.84 30.60 -1.05
CA THR B 451 24.85 31.14 -2.40
C THR B 451 24.94 30.05 -3.47
N ARG B 452 25.66 28.97 -3.15
CA ARG B 452 25.84 27.84 -4.07
C ARG B 452 24.60 26.97 -4.21
N CYS B 453 23.83 26.77 -3.12
CA CYS B 453 22.69 25.84 -3.09
C CYS B 453 21.30 26.47 -3.14
N LEU B 454 21.18 27.76 -2.82
CA LEU B 454 19.87 28.40 -2.77
C LEU B 454 19.70 29.59 -3.72
N PRO B 455 18.98 29.40 -4.86
CA PRO B 455 18.76 30.54 -5.77
C PRO B 455 17.96 31.67 -5.13
N PRO B 456 18.26 32.96 -5.47
CA PRO B 456 17.54 34.07 -4.84
C PRO B 456 16.07 34.08 -5.27
N LEU B 457 15.18 34.46 -4.35
CA LEU B 457 13.74 34.53 -4.59
C LEU B 457 13.32 35.98 -4.79
#